data_2YRR
#
_entry.id   2YRR
#
_cell.length_a   80.920
_cell.length_b   80.920
_cell.length_c   203.961
_cell.angle_alpha   90.00
_cell.angle_beta   90.00
_cell.angle_gamma   120.00
#
_symmetry.space_group_name_H-M   'P 31 2 1'
#
loop_
_entity.id
_entity.type
_entity.pdbx_description
1 polymer 'Aminotransferase, class V'
2 non-polymer "PYRIDOXAL-5'-PHOSPHATE"
3 water water
#
_entity_poly.entity_id   1
_entity_poly.type   'polypeptide(L)'
_entity_poly.pdbx_seq_one_letter_code
;MLLLTPGPTPIPERVQKALLRPMRGHLDPEVLRVNRAIQERLAALFDPGEGALVAALAGSGSLGMEAGLANLDRGPVLVL
VNGAFSQRVAEMAALHGLDPEVLDFPPGEPVDPEAVARALKRRRYRMVALVHGETSTGVLNPAEAIGALAKEAGALFFLD
AVTTLGMLPFSMRAMGVDYAFTGSQKCLSAPPGLAPIAASLEARKAFTGKRGWYLDLARVAEHWERGGYHHTTPVLLHYA
LLEALDLVLEEGVAARERRAREVYAWVLEELKARGFRPYPKASPLPTVLVVRPPEGVDADRLVRALYAEGVAVAGGIGPT
RGQVLRLGLMGEGARREAYQAFLKALDRALALA
;
_entity_poly.pdbx_strand_id   A,B
#
loop_
_chem_comp.id
_chem_comp.type
_chem_comp.name
_chem_comp.formula
PLP non-polymer PYRIDOXAL-5'-PHOSPHATE 'C8 H10 N O6 P'
#
# COMPACT_ATOMS: atom_id res chain seq x y z
N MET A 1 8.83 0.44 -24.48
CA MET A 1 9.77 -0.14 -23.48
C MET A 1 9.28 -1.54 -23.10
N LEU A 2 9.98 -2.56 -23.59
CA LEU A 2 9.62 -3.95 -23.29
C LEU A 2 10.05 -4.24 -21.85
N LEU A 3 9.11 -4.66 -21.02
CA LEU A 3 9.39 -4.92 -19.60
C LEU A 3 9.83 -6.34 -19.29
N LEU A 4 11.14 -6.55 -19.17
CA LEU A 4 11.66 -7.88 -18.85
C LEU A 4 12.33 -7.96 -17.47
N THR A 5 11.99 -7.02 -16.60
CA THR A 5 12.52 -7.02 -15.25
C THR A 5 11.82 -8.15 -14.49
N PRO A 6 12.52 -8.78 -13.53
CA PRO A 6 11.91 -9.86 -12.77
C PRO A 6 10.91 -9.29 -11.76
N GLY A 7 9.99 -8.49 -12.27
CA GLY A 7 9.00 -7.84 -11.43
C GLY A 7 9.39 -6.37 -11.34
N PRO A 8 8.50 -5.46 -11.75
CA PRO A 8 7.17 -5.77 -12.28
C PRO A 8 7.24 -6.49 -13.63
N THR A 9 6.08 -6.92 -14.11
CA THR A 9 6.00 -7.65 -15.39
C THR A 9 4.97 -7.01 -16.33
N PRO A 10 4.99 -7.39 -17.62
CA PRO A 10 4.04 -6.82 -18.58
C PRO A 10 2.61 -7.14 -18.16
N ILE A 11 1.73 -6.15 -18.23
CA ILE A 11 0.34 -6.34 -17.85
C ILE A 11 -0.51 -6.55 -19.10
N PRO A 12 -1.20 -7.71 -19.21
CA PRO A 12 -2.02 -7.89 -20.42
C PRO A 12 -3.13 -6.84 -20.47
N GLU A 13 -3.49 -6.41 -21.68
CA GLU A 13 -4.54 -5.39 -21.89
C GLU A 13 -5.81 -5.66 -21.09
N ARG A 14 -6.28 -6.90 -21.17
CA ARG A 14 -7.47 -7.32 -20.46
C ARG A 14 -7.41 -6.93 -18.97
N VAL A 15 -6.24 -7.06 -18.39
CA VAL A 15 -6.03 -6.75 -16.98
C VAL A 15 -5.92 -5.25 -16.71
N GLN A 16 -5.14 -4.55 -17.52
CA GLN A 16 -4.97 -3.11 -17.33
C GLN A 16 -6.28 -2.38 -17.58
N LYS A 17 -7.06 -2.87 -18.54
CA LYS A 17 -8.34 -2.25 -18.87
C LYS A 17 -9.32 -2.37 -17.71
N ALA A 18 -9.11 -3.34 -16.83
CA ALA A 18 -9.99 -3.53 -15.69
C ALA A 18 -9.92 -2.31 -14.77
N LEU A 19 -8.83 -1.56 -14.88
CA LEU A 19 -8.64 -0.37 -14.06
C LEU A 19 -9.54 0.78 -14.51
N LEU A 20 -10.20 0.61 -15.66
CA LEU A 20 -11.09 1.63 -16.19
C LEU A 20 -12.54 1.45 -15.75
N ARG A 21 -12.83 0.37 -15.03
CA ARG A 21 -14.19 0.14 -14.58
C ARG A 21 -14.62 1.16 -13.53
N PRO A 22 -15.93 1.45 -13.48
CA PRO A 22 -16.47 2.42 -12.53
C PRO A 22 -15.94 2.30 -11.10
N MET A 23 -15.44 3.41 -10.57
CA MET A 23 -14.92 3.43 -9.21
C MET A 23 -16.08 3.24 -8.23
N ARG A 24 -15.84 2.48 -7.16
CA ARG A 24 -16.85 2.22 -6.14
C ARG A 24 -16.23 2.33 -4.74
N GLY A 25 -17.10 2.44 -3.74
CA GLY A 25 -16.62 2.54 -2.37
C GLY A 25 -16.00 1.20 -1.98
N HIS A 26 -15.04 1.23 -1.06
CA HIS A 26 -14.36 0.01 -0.63
C HIS A 26 -15.27 -0.96 0.15
N LEU A 27 -16.41 -0.45 0.59
CA LEU A 27 -17.38 -1.26 1.33
C LEU A 27 -18.62 -1.55 0.48
N ASP A 28 -18.60 -1.14 -0.78
CA ASP A 28 -19.69 -1.37 -1.70
C ASP A 28 -19.88 -2.89 -1.78
N PRO A 29 -21.11 -3.39 -1.58
CA PRO A 29 -21.29 -4.84 -1.65
C PRO A 29 -20.65 -5.46 -2.90
N GLU A 30 -20.63 -4.71 -4.00
CA GLU A 30 -20.04 -5.21 -5.23
C GLU A 30 -18.54 -5.42 -5.11
N VAL A 31 -17.86 -4.51 -4.40
CA VAL A 31 -16.42 -4.63 -4.21
C VAL A 31 -16.17 -5.76 -3.23
N LEU A 32 -16.98 -5.83 -2.18
CA LEU A 32 -16.82 -6.90 -1.20
C LEU A 32 -16.91 -8.26 -1.89
N ARG A 33 -17.75 -8.35 -2.92
CA ARG A 33 -17.90 -9.60 -3.67
C ARG A 33 -16.70 -9.85 -4.58
N VAL A 34 -16.09 -8.79 -5.08
CA VAL A 34 -14.90 -8.92 -5.92
C VAL A 34 -13.78 -9.45 -5.04
N ASN A 35 -13.77 -9.01 -3.77
CA ASN A 35 -12.77 -9.43 -2.81
C ASN A 35 -12.94 -10.90 -2.47
N ARG A 36 -14.20 -11.33 -2.42
CA ARG A 36 -14.48 -12.73 -2.14
C ARG A 36 -14.00 -13.56 -3.31
N ALA A 37 -14.20 -13.05 -4.52
CA ALA A 37 -13.78 -13.75 -5.72
C ALA A 37 -12.25 -13.83 -5.77
N ILE A 38 -11.60 -12.78 -5.28
CA ILE A 38 -10.13 -12.72 -5.26
C ILE A 38 -9.59 -13.77 -4.29
N GLN A 39 -10.21 -13.87 -3.12
CA GLN A 39 -9.79 -14.84 -2.11
C GLN A 39 -9.93 -16.26 -2.64
N GLU A 40 -11.01 -16.51 -3.37
CA GLU A 40 -11.28 -17.82 -3.93
C GLU A 40 -10.18 -18.25 -4.90
N ARG A 41 -9.83 -17.36 -5.82
CA ARG A 41 -8.78 -17.66 -6.80
C ARG A 41 -7.41 -17.74 -6.15
N LEU A 42 -7.17 -16.91 -5.14
CA LEU A 42 -5.87 -16.94 -4.47
C LEU A 42 -5.76 -18.28 -3.73
N ALA A 43 -6.86 -18.71 -3.13
CA ALA A 43 -6.90 -19.97 -2.39
C ALA A 43 -6.62 -21.13 -3.34
N ALA A 44 -7.04 -21.00 -4.59
CA ALA A 44 -6.82 -22.04 -5.59
C ALA A 44 -5.32 -22.18 -5.88
N LEU A 45 -4.62 -21.06 -5.88
CA LEU A 45 -3.19 -21.07 -6.14
C LEU A 45 -2.39 -21.40 -4.89
N PHE A 46 -2.77 -20.82 -3.76
CA PHE A 46 -2.08 -21.05 -2.48
C PHE A 46 -2.33 -22.42 -1.84
N ASP A 47 -3.59 -22.88 -1.89
CA ASP A 47 -3.99 -24.14 -1.26
C ASP A 47 -3.57 -24.05 0.21
N PRO A 48 -4.16 -23.09 0.95
CA PRO A 48 -3.90 -22.79 2.37
C PRO A 48 -4.54 -23.68 3.45
N GLY A 49 -5.55 -24.45 3.08
CA GLY A 49 -6.20 -25.29 4.08
C GLY A 49 -7.31 -24.49 4.75
N GLU A 50 -8.29 -25.18 5.34
CA GLU A 50 -9.40 -24.47 5.97
C GLU A 50 -9.02 -23.62 7.17
N GLY A 51 -9.78 -22.54 7.37
CA GLY A 51 -9.50 -21.66 8.48
C GLY A 51 -8.42 -20.64 8.15
N ALA A 52 -7.84 -20.74 6.95
CA ALA A 52 -6.78 -19.82 6.57
C ALA A 52 -7.29 -18.42 6.23
N LEU A 53 -6.43 -17.42 6.43
CA LEU A 53 -6.77 -16.05 6.09
C LEU A 53 -6.17 -15.80 4.71
N VAL A 54 -7.01 -15.42 3.77
CA VAL A 54 -6.55 -15.13 2.41
C VAL A 54 -6.93 -13.68 2.13
N ALA A 55 -5.97 -12.89 1.68
CA ALA A 55 -6.23 -11.49 1.39
C ALA A 55 -5.17 -10.91 0.47
N ALA A 56 -5.39 -9.66 0.07
CA ALA A 56 -4.46 -8.93 -0.79
C ALA A 56 -4.21 -7.60 -0.08
N LEU A 57 -3.11 -7.53 0.66
CA LEU A 57 -2.77 -6.33 1.41
C LEU A 57 -2.57 -5.12 0.50
N ALA A 58 -2.94 -3.95 1.01
CA ALA A 58 -2.81 -2.71 0.25
C ALA A 58 -1.37 -2.19 0.32
N GLY A 59 -0.49 -2.83 -0.45
CA GLY A 59 0.91 -2.43 -0.49
C GLY A 59 1.70 -3.41 -1.35
N SER A 60 3.00 -3.18 -1.49
CA SER A 60 3.86 -4.05 -2.30
C SER A 60 4.09 -5.40 -1.61
N GLY A 61 4.78 -6.30 -2.29
CA GLY A 61 5.05 -7.61 -1.71
C GLY A 61 5.76 -7.54 -0.38
N SER A 62 6.61 -6.53 -0.21
CA SER A 62 7.36 -6.37 1.03
C SER A 62 6.43 -6.20 2.23
N LEU A 63 5.26 -5.63 2.00
CA LEU A 63 4.28 -5.45 3.05
C LEU A 63 3.79 -6.84 3.45
N GLY A 64 3.58 -7.69 2.45
CA GLY A 64 3.13 -9.03 2.72
C GLY A 64 4.19 -9.77 3.53
N MET A 65 5.45 -9.51 3.18
CA MET A 65 6.57 -10.14 3.87
C MET A 65 6.61 -9.74 5.34
N GLU A 66 6.53 -8.44 5.59
CA GLU A 66 6.58 -7.95 6.96
C GLU A 66 5.36 -8.36 7.78
N ALA A 67 4.19 -8.44 7.15
CA ALA A 67 2.97 -8.83 7.87
C ALA A 67 3.15 -10.21 8.51
N GLY A 68 3.83 -11.10 7.80
CA GLY A 68 4.05 -12.45 8.30
C GLY A 68 5.02 -12.54 9.47
N LEU A 69 5.75 -11.45 9.70
CA LEU A 69 6.71 -11.40 10.78
C LEU A 69 6.27 -10.53 11.95
N ALA A 70 5.77 -9.34 11.64
CA ALA A 70 5.31 -8.40 12.67
C ALA A 70 4.14 -8.89 13.53
N ASN A 71 3.35 -9.83 13.01
CA ASN A 71 2.21 -10.35 13.76
C ASN A 71 2.56 -11.58 14.62
N LEU A 72 3.79 -12.09 14.48
CA LEU A 72 4.21 -13.27 15.23
C LEU A 72 4.31 -12.99 16.73
N ASP A 73 3.69 -13.83 17.55
CA ASP A 73 3.74 -13.59 18.99
C ASP A 73 5.16 -13.52 19.53
N ARG A 74 6.00 -14.48 19.16
CA ARG A 74 7.37 -14.48 19.63
C ARG A 74 8.30 -15.29 18.75
N GLY A 75 9.60 -15.17 19.04
CA GLY A 75 10.61 -15.92 18.32
C GLY A 75 11.04 -17.08 19.20
N PRO A 76 12.22 -17.67 18.96
CA PRO A 76 13.18 -17.30 17.92
C PRO A 76 12.70 -17.70 16.53
N VAL A 77 13.39 -17.18 15.52
CA VAL A 77 13.05 -17.48 14.13
C VAL A 77 14.33 -17.90 13.40
N LEU A 78 14.26 -19.03 12.71
CA LEU A 78 15.41 -19.50 11.94
C LEU A 78 15.23 -18.94 10.54
N VAL A 79 16.06 -17.98 10.17
CA VAL A 79 15.98 -17.35 8.85
C VAL A 79 17.04 -17.92 7.94
N LEU A 80 16.60 -18.64 6.91
CA LEU A 80 17.48 -19.26 5.94
C LEU A 80 17.81 -18.23 4.86
N VAL A 81 19.03 -17.73 4.89
CA VAL A 81 19.46 -16.68 3.96
C VAL A 81 20.27 -17.22 2.79
N ASN A 82 19.86 -16.82 1.60
CA ASN A 82 20.48 -17.26 0.35
C ASN A 82 20.60 -16.11 -0.67
N GLY A 83 20.14 -14.93 -0.28
CA GLY A 83 20.19 -13.81 -1.19
C GLY A 83 19.55 -12.54 -0.64
N ALA A 84 19.39 -11.55 -1.50
CA ALA A 84 18.83 -10.25 -1.12
C ALA A 84 17.50 -10.28 -0.37
N PHE A 85 16.53 -10.98 -0.94
CA PHE A 85 15.22 -11.03 -0.32
C PHE A 85 15.10 -11.83 0.98
N SER A 86 15.93 -12.86 1.14
CA SER A 86 15.89 -13.62 2.38
C SER A 86 16.62 -12.78 3.44
N GLN A 87 17.51 -11.91 2.98
CA GLN A 87 18.24 -11.02 3.89
C GLN A 87 17.24 -9.97 4.37
N ARG A 88 16.30 -9.59 3.52
CA ARG A 88 15.29 -8.61 3.90
C ARG A 88 14.43 -9.22 5.01
N VAL A 89 14.17 -10.52 4.89
CA VAL A 89 13.38 -11.20 5.91
C VAL A 89 14.12 -11.11 7.23
N ALA A 90 15.42 -11.41 7.19
CA ALA A 90 16.24 -11.35 8.38
C ALA A 90 16.19 -9.97 9.00
N GLU A 91 16.27 -8.95 8.14
CA GLU A 91 16.23 -7.55 8.59
C GLU A 91 14.97 -7.27 9.39
N MET A 92 13.82 -7.53 8.76
CA MET A 92 12.52 -7.30 9.39
C MET A 92 12.35 -8.09 10.68
N ALA A 93 12.81 -9.33 10.67
CA ALA A 93 12.70 -10.18 11.85
C ALA A 93 13.48 -9.59 13.04
N ALA A 94 14.62 -8.98 12.74
CA ALA A 94 15.45 -8.37 13.78
C ALA A 94 14.78 -7.09 14.25
N LEU A 95 14.18 -6.37 13.31
CA LEU A 95 13.48 -5.12 13.59
C LEU A 95 12.36 -5.32 14.61
N HIS A 96 11.58 -6.38 14.43
CA HIS A 96 10.46 -6.68 15.32
C HIS A 96 10.83 -7.51 16.55
N GLY A 97 12.12 -7.60 16.83
CA GLY A 97 12.59 -8.33 17.99
C GLY A 97 12.19 -9.78 18.06
N LEU A 98 12.25 -10.48 16.94
CA LEU A 98 11.87 -11.89 16.87
C LEU A 98 13.06 -12.82 17.11
N ASP A 99 14.14 -12.26 17.66
CA ASP A 99 15.34 -13.03 17.96
C ASP A 99 15.72 -13.93 16.79
N PRO A 100 15.90 -13.35 15.61
CA PRO A 100 16.25 -14.15 14.43
C PRO A 100 17.63 -14.80 14.52
N GLU A 101 17.72 -15.99 13.95
CA GLU A 101 18.96 -16.76 13.88
C GLU A 101 19.14 -17.01 12.39
N VAL A 102 20.19 -16.42 11.82
CA VAL A 102 20.45 -16.56 10.39
C VAL A 102 21.34 -17.74 10.06
N LEU A 103 20.85 -18.56 9.13
CA LEU A 103 21.60 -19.71 8.65
C LEU A 103 21.92 -19.36 7.20
N ASP A 104 23.19 -19.03 6.94
CA ASP A 104 23.63 -18.63 5.62
C ASP A 104 24.04 -19.74 4.66
N PHE A 105 23.92 -19.42 3.38
CA PHE A 105 24.30 -20.29 2.29
C PHE A 105 24.80 -19.33 1.22
N PRO A 106 25.83 -19.73 0.46
CA PRO A 106 26.39 -18.88 -0.59
C PRO A 106 25.40 -18.44 -1.65
N PRO A 107 25.43 -17.15 -2.03
CA PRO A 107 24.51 -16.67 -3.07
C PRO A 107 24.87 -17.41 -4.34
N GLY A 108 23.88 -18.04 -4.97
CA GLY A 108 24.15 -18.79 -6.19
C GLY A 108 23.98 -20.28 -5.90
N GLU A 109 23.85 -20.59 -4.62
CA GLU A 109 23.65 -21.96 -4.19
C GLU A 109 22.33 -22.03 -3.43
N PRO A 110 21.63 -23.17 -3.50
CA PRO A 110 20.35 -23.28 -2.79
C PRO A 110 20.55 -23.63 -1.32
N VAL A 111 19.50 -23.45 -0.54
CA VAL A 111 19.55 -23.78 0.87
C VAL A 111 19.67 -25.31 0.96
N ASP A 112 20.54 -25.77 1.83
CA ASP A 112 20.82 -27.19 2.06
C ASP A 112 19.86 -27.72 3.13
N PRO A 113 18.89 -28.56 2.74
CA PRO A 113 17.96 -29.08 3.75
C PRO A 113 18.62 -29.90 4.87
N GLU A 114 19.80 -30.44 4.61
CA GLU A 114 20.50 -31.20 5.64
C GLU A 114 21.02 -30.28 6.73
N ALA A 115 21.51 -29.11 6.33
CA ALA A 115 22.01 -28.13 7.29
C ALA A 115 20.83 -27.54 8.06
N VAL A 116 19.68 -27.42 7.38
CA VAL A 116 18.49 -26.90 8.02
C VAL A 116 18.06 -27.86 9.13
N ALA A 117 18.01 -29.15 8.80
CA ALA A 117 17.63 -30.16 9.79
C ALA A 117 18.53 -30.11 11.02
N ARG A 118 19.84 -30.02 10.82
CA ARG A 118 20.76 -29.97 11.94
C ARG A 118 20.51 -28.75 12.82
N ALA A 119 20.24 -27.61 12.18
CA ALA A 119 19.97 -26.36 12.90
C ALA A 119 18.72 -26.50 13.76
N LEU A 120 17.72 -27.21 13.25
CA LEU A 120 16.45 -27.41 13.97
C LEU A 120 16.58 -28.34 15.16
N LYS A 121 17.58 -29.21 15.15
CA LYS A 121 17.82 -30.16 16.24
C LYS A 121 18.54 -29.45 17.38
N ARG A 122 19.18 -28.34 17.06
CA ARG A 122 19.94 -27.58 18.03
C ARG A 122 19.10 -26.70 18.95
N ARG A 123 18.00 -26.17 18.43
CA ARG A 123 17.13 -25.31 19.23
C ARG A 123 15.68 -25.28 18.73
N ARG A 124 14.76 -25.01 19.64
CA ARG A 124 13.35 -24.94 19.28
C ARG A 124 13.12 -23.58 18.62
N TYR A 125 12.45 -23.59 17.48
CA TYR A 125 12.17 -22.35 16.78
C TYR A 125 10.67 -22.15 16.64
N ARG A 126 10.23 -20.91 16.77
CA ARG A 126 8.82 -20.60 16.65
C ARG A 126 8.44 -20.64 15.17
N MET A 127 9.38 -20.23 14.32
CA MET A 127 9.14 -20.19 12.89
C MET A 127 10.42 -20.36 12.09
N VAL A 128 10.28 -20.93 10.90
CA VAL A 128 11.39 -21.13 9.98
C VAL A 128 10.99 -20.35 8.73
N ALA A 129 11.83 -19.41 8.30
CA ALA A 129 11.53 -18.61 7.12
C ALA A 129 12.44 -18.88 5.93
N LEU A 130 11.83 -19.01 4.76
CA LEU A 130 12.56 -19.27 3.53
C LEU A 130 11.96 -18.50 2.35
N VAL A 131 12.79 -18.24 1.34
CA VAL A 131 12.33 -17.59 0.13
C VAL A 131 12.31 -18.71 -0.91
N HIS A 132 11.13 -19.00 -1.46
CA HIS A 132 10.98 -20.05 -2.45
C HIS A 132 11.94 -19.88 -3.62
N GLY A 133 11.79 -18.76 -4.32
CA GLY A 133 12.67 -18.47 -5.44
C GLY A 133 13.41 -17.18 -5.14
N GLU A 134 14.73 -17.28 -4.96
CA GLU A 134 15.53 -16.10 -4.65
C GLU A 134 15.84 -15.33 -5.91
N THR A 135 15.04 -14.29 -6.15
CA THR A 135 15.15 -13.45 -7.33
C THR A 135 16.49 -12.76 -7.56
N SER A 136 17.25 -12.53 -6.50
CA SER A 136 18.54 -11.84 -6.64
C SER A 136 19.64 -12.73 -7.20
N THR A 137 19.51 -14.03 -6.96
CA THR A 137 20.50 -15.01 -7.41
C THR A 137 19.97 -15.94 -8.48
N GLY A 138 18.66 -15.96 -8.66
CA GLY A 138 18.06 -16.84 -9.66
C GLY A 138 18.11 -18.30 -9.27
N VAL A 139 18.05 -18.56 -7.97
CA VAL A 139 18.09 -19.92 -7.43
C VAL A 139 16.75 -20.33 -6.80
N LEU A 140 16.38 -21.59 -7.01
CA LEU A 140 15.15 -22.13 -6.45
C LEU A 140 15.49 -22.95 -5.21
N ASN A 141 14.88 -22.63 -4.07
CA ASN A 141 15.15 -23.37 -2.84
C ASN A 141 14.16 -24.53 -2.69
N PRO A 142 14.58 -25.62 -2.01
CA PRO A 142 13.76 -26.81 -1.80
C PRO A 142 12.70 -26.60 -0.71
N ALA A 143 11.71 -25.78 -1.02
CA ALA A 143 10.64 -25.45 -0.07
C ALA A 143 9.88 -26.65 0.49
N GLU A 144 9.43 -27.54 -0.39
CA GLU A 144 8.68 -28.72 0.05
C GLU A 144 9.45 -29.51 1.11
N ALA A 145 10.73 -29.77 0.85
CA ALA A 145 11.55 -30.53 1.79
C ALA A 145 11.77 -29.76 3.09
N ILE A 146 11.97 -28.45 2.98
CA ILE A 146 12.17 -27.62 4.17
C ILE A 146 10.90 -27.59 5.00
N GLY A 147 9.76 -27.55 4.33
CA GLY A 147 8.50 -27.54 5.03
C GLY A 147 8.30 -28.77 5.89
N ALA A 148 8.70 -29.93 5.38
CA ALA A 148 8.55 -31.17 6.12
C ALA A 148 9.40 -31.14 7.39
N LEU A 149 10.58 -30.51 7.31
CA LEU A 149 11.47 -30.40 8.46
C LEU A 149 10.88 -29.47 9.51
N ALA A 150 10.25 -28.39 9.04
CA ALA A 150 9.64 -27.45 9.97
C ALA A 150 8.50 -28.14 10.72
N LYS A 151 7.65 -28.86 9.99
CA LYS A 151 6.53 -29.56 10.61
C LYS A 151 7.02 -30.57 11.65
N GLU A 152 8.17 -31.19 11.38
CA GLU A 152 8.74 -32.17 12.29
C GLU A 152 9.19 -31.47 13.57
N ALA A 153 9.87 -30.35 13.41
CA ALA A 153 10.37 -29.58 14.55
C ALA A 153 9.29 -28.76 15.24
N GLY A 154 8.08 -28.77 14.69
CA GLY A 154 6.98 -28.03 15.28
C GLY A 154 7.06 -26.51 15.09
N ALA A 155 7.81 -26.08 14.09
CA ALA A 155 7.97 -24.66 13.81
C ALA A 155 7.04 -24.25 12.67
N LEU A 156 6.56 -23.01 12.72
CA LEU A 156 5.70 -22.50 11.66
C LEU A 156 6.59 -22.26 10.45
N PHE A 157 6.06 -22.50 9.25
CA PHE A 157 6.84 -22.30 8.03
C PHE A 157 6.41 -21.06 7.24
N PHE A 158 7.32 -20.09 7.17
CA PHE A 158 7.13 -18.82 6.46
C PHE A 158 7.80 -18.94 5.10
N LEU A 159 7.07 -18.70 4.03
CA LEU A 159 7.64 -18.83 2.69
C LEU A 159 7.29 -17.71 1.71
N ASP A 160 8.33 -17.08 1.17
CA ASP A 160 8.20 -16.01 0.20
C ASP A 160 7.97 -16.72 -1.14
N ALA A 161 6.75 -16.61 -1.67
CA ALA A 161 6.42 -17.28 -2.93
C ALA A 161 6.32 -16.34 -4.13
N VAL A 162 6.97 -15.19 -4.04
CA VAL A 162 6.94 -14.20 -5.11
C VAL A 162 7.29 -14.71 -6.51
N THR A 163 8.36 -15.48 -6.63
CA THR A 163 8.79 -15.97 -7.93
C THR A 163 8.24 -17.33 -8.33
N THR A 164 7.30 -17.86 -7.56
CA THR A 164 6.75 -19.16 -7.87
C THR A 164 5.23 -19.21 -7.95
N LEU A 165 4.56 -18.56 -7.02
CA LEU A 165 3.10 -18.55 -7.00
C LEU A 165 2.57 -17.95 -8.30
N GLY A 166 1.78 -18.73 -9.04
CA GLY A 166 1.22 -18.23 -10.28
C GLY A 166 2.01 -18.64 -11.52
N MET A 167 3.10 -19.36 -11.32
CA MET A 167 3.93 -19.80 -12.44
C MET A 167 4.44 -21.23 -12.27
N LEU A 168 4.66 -21.65 -11.03
CA LEU A 168 5.16 -23.00 -10.74
C LEU A 168 4.26 -23.71 -9.74
N PRO A 169 4.12 -25.05 -9.88
CA PRO A 169 3.29 -25.85 -8.97
C PRO A 169 3.50 -25.38 -7.54
N PHE A 170 2.41 -25.12 -6.83
CA PHE A 170 2.52 -24.61 -5.46
C PHE A 170 1.33 -25.02 -4.59
N SER A 171 1.60 -25.37 -3.34
CA SER A 171 0.56 -25.76 -2.39
C SER A 171 1.06 -25.71 -0.95
N MET A 172 0.49 -24.80 -0.16
CA MET A 172 0.88 -24.68 1.23
C MET A 172 0.66 -26.01 1.95
N ARG A 173 -0.44 -26.66 1.59
CA ARG A 173 -0.81 -27.94 2.17
C ARG A 173 0.29 -28.97 1.97
N ALA A 174 0.69 -29.15 0.72
CA ALA A 174 1.73 -30.12 0.36
C ALA A 174 3.12 -29.72 0.81
N MET A 175 3.36 -28.42 0.96
CA MET A 175 4.68 -27.96 1.36
C MET A 175 4.77 -27.62 2.84
N GLY A 176 3.67 -27.85 3.55
CA GLY A 176 3.62 -27.57 4.97
C GLY A 176 3.84 -26.09 5.30
N VAL A 177 3.39 -25.22 4.43
CA VAL A 177 3.56 -23.78 4.62
C VAL A 177 2.45 -23.16 5.48
N ASP A 178 2.85 -22.31 6.42
CA ASP A 178 1.91 -21.64 7.31
C ASP A 178 1.65 -20.20 6.91
N TYR A 179 2.61 -19.59 6.23
CA TYR A 179 2.44 -18.22 5.76
C TYR A 179 3.14 -18.08 4.41
N ALA A 180 2.36 -17.72 3.40
CA ALA A 180 2.88 -17.54 2.04
C ALA A 180 2.40 -16.21 1.53
N PHE A 181 3.21 -15.56 0.69
CA PHE A 181 2.84 -14.26 0.15
C PHE A 181 3.54 -13.99 -1.18
N THR A 182 3.04 -12.98 -1.88
CA THR A 182 3.63 -12.53 -3.13
C THR A 182 3.19 -11.09 -3.36
N GLY A 183 3.47 -10.59 -4.55
CA GLY A 183 3.11 -9.23 -4.91
C GLY A 183 2.28 -9.33 -6.17
N SER A 184 1.39 -8.37 -6.39
CA SER A 184 0.54 -8.41 -7.57
C SER A 184 1.30 -8.31 -8.90
N GLN A 185 2.44 -7.61 -8.88
CA GLN A 185 3.22 -7.39 -10.10
C GLN A 185 4.23 -8.48 -10.49
N LYS A 186 4.26 -9.58 -9.76
CA LYS A 186 5.23 -10.63 -10.09
C LYS A 186 4.68 -11.62 -11.12
N CYS A 187 4.57 -12.90 -10.75
CA CYS A 187 4.07 -13.92 -11.66
C CYS A 187 2.62 -13.73 -12.10
N LEU A 188 1.84 -12.99 -11.33
CA LEU A 188 0.43 -12.77 -11.66
C LEU A 188 0.25 -11.74 -12.78
N SER A 189 1.31 -10.99 -13.06
CA SER A 189 1.29 -9.97 -14.10
C SER A 189 0.17 -8.95 -13.95
N ALA A 190 -0.05 -8.51 -12.72
CA ALA A 190 -1.07 -7.50 -12.45
C ALA A 190 -0.36 -6.22 -12.04
N PRO A 191 -1.07 -5.09 -12.00
CA PRO A 191 -0.42 -3.84 -11.62
C PRO A 191 0.12 -3.93 -10.19
N PRO A 192 1.29 -3.35 -9.91
CA PRO A 192 1.84 -3.41 -8.55
C PRO A 192 0.97 -2.58 -7.61
N GLY A 193 0.97 -2.93 -6.33
CA GLY A 193 0.17 -2.19 -5.37
C GLY A 193 -0.57 -3.07 -4.39
N LEU A 194 -0.60 -4.37 -4.65
CA LEU A 194 -1.27 -5.32 -3.77
C LEU A 194 -0.33 -6.46 -3.42
N ALA A 195 -0.54 -7.06 -2.25
CA ALA A 195 0.30 -8.16 -1.81
C ALA A 195 -0.56 -9.33 -1.35
N PRO A 196 -0.78 -10.32 -2.22
CA PRO A 196 -1.60 -11.47 -1.85
C PRO A 196 -0.94 -12.25 -0.73
N ILE A 197 -1.70 -12.58 0.31
CA ILE A 197 -1.14 -13.34 1.41
C ILE A 197 -2.06 -14.48 1.81
N ALA A 198 -1.51 -15.43 2.56
CA ALA A 198 -2.27 -16.57 3.03
C ALA A 198 -1.62 -17.04 4.32
N ALA A 199 -2.40 -17.05 5.39
CA ALA A 199 -1.92 -17.48 6.69
C ALA A 199 -2.78 -18.66 7.11
N SER A 200 -2.14 -19.80 7.37
CA SER A 200 -2.84 -20.99 7.77
C SER A 200 -3.44 -20.78 9.15
N LEU A 201 -4.29 -21.71 9.55
CA LEU A 201 -4.93 -21.67 10.86
C LEU A 201 -3.89 -21.59 11.97
N GLU A 202 -2.86 -22.43 11.89
CA GLU A 202 -1.82 -22.43 12.92
C GLU A 202 -1.07 -21.10 12.97
N ALA A 203 -0.86 -20.47 11.81
CA ALA A 203 -0.18 -19.18 11.78
C ALA A 203 -1.03 -18.14 12.51
N ARG A 204 -2.32 -18.10 12.20
CA ARG A 204 -3.24 -17.16 12.83
C ARG A 204 -3.25 -17.31 14.35
N LYS A 205 -3.19 -18.55 14.81
CA LYS A 205 -3.18 -18.81 16.24
C LYS A 205 -1.93 -18.19 16.89
N ALA A 206 -0.82 -18.19 16.17
CA ALA A 206 0.42 -17.63 16.69
C ALA A 206 0.54 -16.14 16.39
N PHE A 207 -0.31 -15.65 15.51
CA PHE A 207 -0.27 -14.24 15.12
C PHE A 207 -1.04 -13.33 16.07
N THR A 208 -0.50 -13.17 17.28
CA THR A 208 -1.12 -12.31 18.29
C THR A 208 -0.22 -11.14 18.65
N GLY A 209 0.87 -10.98 17.90
CA GLY A 209 1.79 -9.89 18.14
C GLY A 209 1.14 -8.62 17.65
N LYS A 210 1.39 -7.52 18.36
CA LYS A 210 0.80 -6.24 17.99
C LYS A 210 1.91 -5.20 17.90
N ARG A 211 2.50 -5.06 16.72
CA ARG A 211 3.59 -4.11 16.52
C ARG A 211 3.31 -3.08 15.44
N GLY A 212 2.26 -3.30 14.66
CA GLY A 212 1.91 -2.38 13.60
C GLY A 212 0.41 -2.32 13.39
N TRP A 213 -0.09 -1.15 13.02
CA TRP A 213 -1.53 -0.97 12.80
C TRP A 213 -1.90 -1.36 11.37
N TYR A 214 -1.25 -0.75 10.40
CA TYR A 214 -1.54 -1.02 9.01
C TYR A 214 -1.42 -2.50 8.65
N LEU A 215 -0.37 -3.16 9.13
CA LEU A 215 -0.16 -4.58 8.83
C LEU A 215 -0.73 -5.57 9.83
N ASP A 216 -1.66 -5.11 10.67
CA ASP A 216 -2.29 -5.98 11.66
C ASP A 216 -3.22 -6.94 10.94
N LEU A 217 -2.82 -8.22 10.85
CA LEU A 217 -3.63 -9.21 10.15
C LEU A 217 -4.99 -9.44 10.79
N ALA A 218 -5.15 -9.04 12.05
CA ALA A 218 -6.44 -9.16 12.72
C ALA A 218 -7.35 -8.09 12.10
N ARG A 219 -6.83 -6.87 11.99
CA ARG A 219 -7.59 -5.77 11.40
C ARG A 219 -7.90 -6.07 9.94
N VAL A 220 -6.93 -6.70 9.26
CA VAL A 220 -7.10 -7.06 7.86
C VAL A 220 -8.22 -8.10 7.76
N ALA A 221 -8.26 -9.01 8.73
CA ALA A 221 -9.27 -10.06 8.75
C ALA A 221 -10.68 -9.51 8.81
N GLU A 222 -10.88 -8.49 9.64
CA GLU A 222 -12.20 -7.88 9.79
C GLU A 222 -12.74 -7.42 8.44
N HIS A 223 -11.86 -6.91 7.58
CA HIS A 223 -12.29 -6.46 6.27
C HIS A 223 -12.44 -7.57 5.25
N TRP A 224 -11.39 -8.39 5.09
CA TRP A 224 -11.43 -9.47 4.11
C TRP A 224 -12.35 -10.63 4.46
N GLU A 225 -12.47 -10.97 5.73
CA GLU A 225 -13.33 -12.07 6.14
C GLU A 225 -14.74 -11.63 6.50
N ARG A 226 -14.83 -10.54 7.25
CA ARG A 226 -16.12 -10.05 7.71
C ARG A 226 -16.68 -8.78 7.06
N GLY A 227 -15.97 -8.27 6.06
CA GLY A 227 -16.44 -7.08 5.37
C GLY A 227 -16.52 -5.80 6.18
N GLY A 228 -15.82 -5.74 7.31
CA GLY A 228 -15.84 -4.54 8.14
C GLY A 228 -14.83 -3.50 7.68
N TYR A 229 -14.76 -2.38 8.37
CA TYR A 229 -13.82 -1.33 7.99
C TYR A 229 -12.47 -1.42 8.67
N HIS A 230 -11.41 -1.39 7.87
CA HIS A 230 -10.06 -1.38 8.38
C HIS A 230 -9.56 -0.05 7.82
N HIS A 231 -9.37 -0.01 6.51
CA HIS A 231 -8.95 1.21 5.82
C HIS A 231 -9.36 1.11 4.36
N THR A 232 -9.39 2.24 3.66
CA THR A 232 -9.78 2.24 2.27
C THR A 232 -8.80 1.40 1.47
N THR A 233 -9.33 0.58 0.57
CA THR A 233 -8.51 -0.29 -0.26
C THR A 233 -8.38 0.28 -1.67
N PRO A 234 -7.33 -0.13 -2.41
CA PRO A 234 -7.14 0.36 -3.77
C PRO A 234 -8.08 -0.43 -4.69
N VAL A 235 -9.37 -0.12 -4.57
CA VAL A 235 -10.42 -0.79 -5.33
C VAL A 235 -10.12 -1.06 -6.81
N LEU A 236 -9.54 -0.10 -7.51
CA LEU A 236 -9.26 -0.32 -8.93
C LEU A 236 -8.23 -1.45 -9.11
N LEU A 237 -7.25 -1.53 -8.23
CA LEU A 237 -6.24 -2.58 -8.30
C LEU A 237 -6.91 -3.92 -8.00
N HIS A 238 -7.95 -3.90 -7.17
CA HIS A 238 -8.69 -5.11 -6.83
C HIS A 238 -9.32 -5.65 -8.11
N TYR A 239 -9.94 -4.76 -8.89
CA TYR A 239 -10.55 -5.17 -10.16
C TYR A 239 -9.50 -5.83 -11.04
N ALA A 240 -8.35 -5.17 -11.17
CA ALA A 240 -7.26 -5.67 -12.02
C ALA A 240 -6.68 -6.99 -11.51
N LEU A 241 -6.53 -7.14 -10.20
CA LEU A 241 -5.98 -8.38 -9.66
C LEU A 241 -6.93 -9.55 -9.96
N LEU A 242 -8.24 -9.31 -9.83
CA LEU A 242 -9.23 -10.36 -10.10
C LEU A 242 -9.11 -10.82 -11.56
N GLU A 243 -9.01 -9.87 -12.48
CA GLU A 243 -8.88 -10.18 -13.90
C GLU A 243 -7.62 -11.01 -14.12
N ALA A 244 -6.54 -10.58 -13.48
CA ALA A 244 -5.26 -11.25 -13.60
C ALA A 244 -5.34 -12.70 -13.11
N LEU A 245 -5.98 -12.90 -11.97
CA LEU A 245 -6.13 -14.23 -11.40
C LEU A 245 -6.95 -15.12 -12.33
N ASP A 246 -8.00 -14.56 -12.92
CA ASP A 246 -8.83 -15.33 -13.84
C ASP A 246 -7.98 -15.79 -15.02
N LEU A 247 -7.18 -14.89 -15.55
CA LEU A 247 -6.32 -15.20 -16.70
C LEU A 247 -5.32 -16.30 -16.36
N VAL A 248 -4.76 -16.21 -15.16
CA VAL A 248 -3.79 -17.18 -14.69
C VAL A 248 -4.41 -18.58 -14.62
N LEU A 249 -5.55 -18.70 -13.99
CA LEU A 249 -6.22 -19.99 -13.83
C LEU A 249 -6.80 -20.53 -15.15
N GLU A 250 -7.15 -19.64 -16.07
CA GLU A 250 -7.67 -20.11 -17.36
C GLU A 250 -6.56 -20.86 -18.06
N GLU A 251 -5.36 -20.31 -17.97
CA GLU A 251 -4.19 -20.93 -18.59
C GLU A 251 -3.67 -22.12 -17.78
N GLY A 252 -3.71 -22.01 -16.46
CA GLY A 252 -3.23 -23.08 -15.62
C GLY A 252 -1.74 -22.99 -15.38
N VAL A 253 -1.30 -23.31 -14.16
CA VAL A 253 0.10 -23.24 -13.79
C VAL A 253 1.00 -24.19 -14.60
N ALA A 254 0.48 -25.35 -14.95
CA ALA A 254 1.28 -26.31 -15.72
C ALA A 254 1.75 -25.70 -17.05
N ALA A 255 0.83 -25.07 -17.77
CA ALA A 255 1.17 -24.44 -19.05
C ALA A 255 2.12 -23.25 -18.88
N ARG A 256 1.98 -22.54 -17.76
CA ARG A 256 2.84 -21.38 -17.50
C ARG A 256 4.24 -21.85 -17.13
N GLU A 257 4.34 -22.92 -16.34
CA GLU A 257 5.64 -23.47 -15.96
C GLU A 257 6.37 -23.92 -17.22
N ARG A 258 5.63 -24.56 -18.12
CA ARG A 258 6.19 -25.04 -19.38
C ARG A 258 6.74 -23.86 -20.18
N ARG A 259 5.95 -22.80 -20.33
CA ARG A 259 6.38 -21.61 -21.06
C ARG A 259 7.71 -21.09 -20.51
N ALA A 260 7.77 -20.91 -19.19
CA ALA A 260 8.98 -20.40 -18.53
C ALA A 260 10.21 -21.27 -18.74
N ARG A 261 10.05 -22.57 -18.52
CA ARG A 261 11.15 -23.51 -18.69
C ARG A 261 11.72 -23.53 -20.10
N GLU A 262 10.84 -23.60 -21.09
CA GLU A 262 11.29 -23.65 -22.47
C GLU A 262 12.13 -22.42 -22.81
N VAL A 263 11.58 -21.23 -22.54
CA VAL A 263 12.28 -19.99 -22.82
C VAL A 263 13.56 -19.87 -22.01
N TYR A 264 13.53 -20.27 -20.74
CA TYR A 264 14.72 -20.19 -19.91
C TYR A 264 15.87 -20.93 -20.61
N ALA A 265 15.62 -22.18 -20.97
CA ALA A 265 16.63 -23.01 -21.63
C ALA A 265 17.22 -22.37 -22.88
N TRP A 266 16.38 -22.07 -23.86
CA TRP A 266 16.86 -21.48 -25.10
C TRP A 266 17.59 -20.14 -24.90
N VAL A 267 17.06 -19.28 -24.04
CA VAL A 267 17.69 -17.99 -23.77
C VAL A 267 19.09 -18.17 -23.20
N LEU A 268 19.22 -19.06 -22.25
CA LEU A 268 20.52 -19.28 -21.64
C LEU A 268 21.50 -19.74 -22.72
N GLU A 269 21.05 -20.59 -23.63
CA GLU A 269 21.93 -21.06 -24.70
C GLU A 269 22.36 -19.86 -25.55
N GLU A 270 21.41 -19.00 -25.91
CA GLU A 270 21.72 -17.81 -26.72
C GLU A 270 22.69 -16.89 -25.99
N LEU A 271 22.52 -16.77 -24.69
CA LEU A 271 23.39 -15.92 -23.89
C LEU A 271 24.79 -16.48 -23.78
N LYS A 272 24.91 -17.79 -23.59
CA LYS A 272 26.23 -18.41 -23.51
C LYS A 272 26.95 -18.27 -24.84
N ALA A 273 26.17 -18.22 -25.93
CA ALA A 273 26.75 -18.07 -27.25
C ALA A 273 27.45 -16.71 -27.33
N ARG A 274 26.96 -15.76 -26.52
CA ARG A 274 27.52 -14.42 -26.48
C ARG A 274 28.50 -14.25 -25.31
N GLY A 275 28.88 -15.36 -24.68
CA GLY A 275 29.84 -15.28 -23.59
C GLY A 275 29.29 -15.04 -22.20
N PHE A 276 27.97 -14.98 -22.04
CA PHE A 276 27.40 -14.78 -20.71
C PHE A 276 27.53 -16.10 -19.96
N ARG A 277 27.48 -16.05 -18.65
CA ARG A 277 27.58 -17.25 -17.84
C ARG A 277 26.49 -17.23 -16.77
N PRO A 278 25.78 -18.35 -16.57
CA PRO A 278 24.73 -18.37 -15.54
C PRO A 278 25.28 -18.11 -14.14
N TYR A 279 24.52 -17.36 -13.34
CA TYR A 279 24.95 -17.05 -11.99
C TYR A 279 24.75 -18.23 -11.05
N PRO A 280 23.55 -18.83 -11.03
CA PRO A 280 23.33 -19.96 -10.14
C PRO A 280 24.25 -21.14 -10.46
N LYS A 281 24.82 -21.71 -9.41
CA LYS A 281 25.71 -22.85 -9.56
C LYS A 281 24.95 -24.17 -9.51
N ALA A 282 23.72 -24.12 -9.03
CA ALA A 282 22.86 -25.30 -8.94
C ALA A 282 21.43 -24.90 -8.59
N SER A 283 20.48 -25.74 -8.97
CA SER A 283 19.08 -25.50 -8.69
C SER A 283 18.57 -24.15 -9.21
N PRO A 284 18.60 -23.96 -10.54
CA PRO A 284 18.14 -22.69 -11.12
C PRO A 284 16.64 -22.43 -10.98
N LEU A 285 16.29 -21.15 -10.91
CA LEU A 285 14.90 -20.69 -10.77
C LEU A 285 14.34 -20.49 -12.18
N PRO A 286 13.39 -21.35 -12.60
CA PRO A 286 12.78 -21.27 -13.93
C PRO A 286 12.17 -19.93 -14.31
N THR A 287 11.76 -19.16 -13.30
CA THR A 287 11.11 -17.88 -13.53
C THR A 287 12.03 -16.66 -13.54
N VAL A 288 13.30 -16.84 -13.19
CA VAL A 288 14.27 -15.73 -13.17
C VAL A 288 15.63 -16.20 -13.65
N LEU A 289 16.01 -15.77 -14.86
CA LEU A 289 17.30 -16.13 -15.43
C LEU A 289 18.33 -15.08 -15.04
N VAL A 290 19.30 -15.47 -14.22
CA VAL A 290 20.34 -14.55 -13.77
C VAL A 290 21.69 -14.95 -14.38
N VAL A 291 22.29 -14.01 -15.11
CA VAL A 291 23.56 -14.28 -15.77
C VAL A 291 24.60 -13.19 -15.61
N ARG A 292 25.86 -13.60 -15.65
CA ARG A 292 26.99 -12.68 -15.56
C ARG A 292 27.35 -12.38 -17.01
N PRO A 293 27.66 -11.12 -17.31
CA PRO A 293 28.02 -10.75 -18.69
C PRO A 293 29.41 -11.29 -19.03
N PRO A 294 29.82 -11.16 -20.30
CA PRO A 294 31.13 -11.63 -20.75
C PRO A 294 32.18 -10.77 -20.06
N GLU A 295 33.36 -11.33 -19.78
CA GLU A 295 34.39 -10.55 -19.11
C GLU A 295 34.56 -9.25 -19.89
N GLY A 296 34.91 -8.17 -19.18
CA GLY A 296 35.10 -6.88 -19.83
C GLY A 296 33.83 -6.09 -20.11
N VAL A 297 32.66 -6.70 -19.88
CA VAL A 297 31.39 -6.04 -20.11
C VAL A 297 30.78 -5.74 -18.75
N ASP A 298 30.59 -4.46 -18.46
CA ASP A 298 30.00 -4.03 -17.20
C ASP A 298 28.49 -4.26 -17.24
N ALA A 299 27.98 -5.00 -16.26
CA ALA A 299 26.56 -5.32 -16.19
C ALA A 299 25.62 -4.12 -16.10
N ASP A 300 25.93 -3.18 -15.20
CA ASP A 300 25.07 -2.02 -15.03
C ASP A 300 25.03 -1.16 -16.29
N ARG A 301 26.19 -1.00 -16.92
CA ARG A 301 26.25 -0.22 -18.15
C ARG A 301 25.43 -0.92 -19.22
N LEU A 302 25.45 -2.25 -19.19
CA LEU A 302 24.70 -3.05 -20.17
C LEU A 302 23.20 -2.87 -19.95
N VAL A 303 22.80 -2.77 -18.68
CA VAL A 303 21.39 -2.57 -18.36
C VAL A 303 20.94 -1.23 -18.96
N ARG A 304 21.74 -0.19 -18.77
CA ARG A 304 21.42 1.13 -19.30
C ARG A 304 21.41 1.14 -20.82
N ALA A 305 22.28 0.34 -21.42
CA ALA A 305 22.35 0.26 -22.89
C ALA A 305 21.10 -0.43 -23.43
N LEU A 306 20.65 -1.46 -22.73
CA LEU A 306 19.45 -2.18 -23.14
C LEU A 306 18.25 -1.23 -23.08
N TYR A 307 18.19 -0.44 -22.01
CA TYR A 307 17.11 0.51 -21.83
C TYR A 307 17.05 1.45 -23.04
N ALA A 308 18.20 2.03 -23.38
CA ALA A 308 18.27 2.93 -24.52
C ALA A 308 17.79 2.21 -25.78
N GLU A 309 17.98 0.89 -25.83
CA GLU A 309 17.54 0.08 -26.98
C GLU A 309 16.06 -0.31 -26.87
N GLY A 310 15.38 0.21 -25.85
CA GLY A 310 13.97 -0.09 -25.67
C GLY A 310 13.60 -1.36 -24.91
N VAL A 311 14.54 -1.89 -24.13
CA VAL A 311 14.26 -3.09 -23.36
C VAL A 311 14.70 -2.92 -21.92
N ALA A 312 13.76 -3.14 -21.01
CA ALA A 312 14.06 -3.00 -19.59
C ALA A 312 14.32 -4.33 -18.90
N VAL A 313 15.49 -4.45 -18.28
CA VAL A 313 15.85 -5.64 -17.52
C VAL A 313 16.41 -5.12 -16.21
N ALA A 314 16.63 -6.02 -15.25
CA ALA A 314 17.16 -5.59 -13.97
C ALA A 314 18.63 -5.91 -13.83
N GLY A 315 19.33 -5.10 -13.05
CA GLY A 315 20.73 -5.34 -12.79
C GLY A 315 20.72 -6.17 -11.52
N GLY A 316 21.88 -6.42 -10.94
CA GLY A 316 21.90 -7.21 -9.71
C GLY A 316 21.32 -6.48 -8.52
N ILE A 317 21.15 -7.20 -7.42
CA ILE A 317 20.62 -6.62 -6.19
C ILE A 317 21.18 -7.42 -5.02
N GLY A 318 21.44 -6.74 -3.92
CA GLY A 318 22.00 -7.43 -2.77
C GLY A 318 23.36 -7.99 -3.13
N PRO A 319 23.59 -9.30 -2.95
CA PRO A 319 24.88 -9.92 -3.26
C PRO A 319 25.30 -9.85 -4.73
N THR A 320 24.35 -9.73 -5.65
CA THR A 320 24.66 -9.68 -7.08
C THR A 320 24.65 -8.27 -7.66
N ARG A 321 24.52 -7.27 -6.81
CA ARG A 321 24.50 -5.89 -7.26
C ARG A 321 25.68 -5.58 -8.19
N GLY A 322 25.36 -5.10 -9.39
CA GLY A 322 26.38 -4.74 -10.37
C GLY A 322 27.13 -5.87 -11.03
N GLN A 323 26.77 -7.12 -10.72
CA GLN A 323 27.47 -8.26 -11.29
C GLN A 323 26.66 -9.03 -12.31
N VAL A 324 25.36 -8.78 -12.36
CA VAL A 324 24.52 -9.54 -13.27
C VAL A 324 23.39 -8.81 -13.97
N LEU A 325 22.70 -9.58 -14.81
CA LEU A 325 21.53 -9.14 -15.53
C LEU A 325 20.48 -10.10 -14.97
N ARG A 326 19.33 -9.59 -14.55
CA ARG A 326 18.27 -10.44 -14.03
C ARG A 326 17.10 -10.33 -14.99
N LEU A 327 16.84 -11.43 -15.70
CA LEU A 327 15.78 -11.50 -16.71
C LEU A 327 14.52 -12.17 -16.21
N GLY A 328 13.40 -11.46 -16.30
CA GLY A 328 12.15 -12.01 -15.85
C GLY A 328 11.49 -13.01 -16.79
N LEU A 329 11.05 -14.12 -16.21
CA LEU A 329 10.35 -15.14 -16.96
C LEU A 329 9.12 -15.46 -16.11
N MET A 330 8.58 -14.40 -15.51
CA MET A 330 7.39 -14.47 -14.67
C MET A 330 6.24 -13.83 -15.46
N GLY A 331 5.07 -14.46 -15.43
CA GLY A 331 3.92 -13.92 -16.15
C GLY A 331 4.15 -13.74 -17.65
N GLU A 332 3.87 -12.53 -18.13
CA GLU A 332 4.04 -12.20 -19.54
C GLU A 332 5.49 -12.06 -19.98
N GLY A 333 6.42 -12.15 -19.04
CA GLY A 333 7.83 -12.04 -19.39
C GLY A 333 8.26 -13.34 -20.08
N ALA A 334 7.62 -14.43 -19.69
CA ALA A 334 7.93 -15.75 -20.24
C ALA A 334 7.28 -15.94 -21.60
N ARG A 335 7.75 -15.18 -22.59
CA ARG A 335 7.24 -15.24 -23.94
C ARG A 335 8.37 -15.30 -24.97
N ARG A 336 8.24 -16.20 -25.92
CA ARG A 336 9.25 -16.35 -26.96
C ARG A 336 9.53 -15.04 -27.70
N GLU A 337 8.47 -14.37 -28.15
CA GLU A 337 8.60 -13.11 -28.87
C GLU A 337 9.33 -12.04 -28.06
N ALA A 338 9.02 -11.96 -26.77
CA ALA A 338 9.64 -10.98 -25.90
C ALA A 338 11.15 -11.15 -25.87
N TYR A 339 11.61 -12.39 -25.70
CA TYR A 339 13.04 -12.59 -25.65
C TYR A 339 13.78 -12.56 -26.97
N GLN A 340 13.05 -12.71 -28.07
CA GLN A 340 13.70 -12.62 -29.38
C GLN A 340 14.00 -11.14 -29.57
N ALA A 341 13.10 -10.29 -29.08
CA ALA A 341 13.32 -8.84 -29.19
C ALA A 341 14.45 -8.46 -28.24
N PHE A 342 14.52 -9.12 -27.08
CA PHE A 342 15.56 -8.88 -26.09
C PHE A 342 16.96 -9.08 -26.70
N LEU A 343 17.13 -10.20 -27.40
CA LEU A 343 18.42 -10.52 -28.01
C LEU A 343 18.83 -9.50 -29.07
N LYS A 344 17.89 -9.14 -29.95
CA LYS A 344 18.20 -8.17 -30.99
C LYS A 344 18.67 -6.88 -30.33
N ALA A 345 18.02 -6.51 -29.23
CA ALA A 345 18.39 -5.31 -28.49
C ALA A 345 19.74 -5.49 -27.82
N LEU A 346 19.93 -6.67 -27.24
CA LEU A 346 21.19 -6.99 -26.56
C LEU A 346 22.35 -6.85 -27.55
N ASP A 347 22.17 -7.35 -28.77
CA ASP A 347 23.23 -7.26 -29.76
C ASP A 347 23.56 -5.81 -30.10
N ARG A 348 22.53 -4.96 -30.18
CA ARG A 348 22.77 -3.55 -30.47
C ARG A 348 23.56 -2.96 -29.30
N ALA A 349 23.23 -3.39 -28.09
CA ALA A 349 23.90 -2.90 -26.89
C ALA A 349 25.36 -3.31 -26.86
N LEU A 350 25.62 -4.57 -27.18
CA LEU A 350 26.98 -5.10 -27.18
C LEU A 350 27.90 -4.55 -28.27
N ALA A 351 27.30 -4.00 -29.33
CA ALA A 351 28.08 -3.45 -30.42
C ALA A 351 28.66 -2.08 -30.06
N LEU A 352 28.10 -1.46 -29.02
CA LEU A 352 28.56 -0.15 -28.55
C LEU A 352 29.75 -0.28 -27.59
N MET B 1 -23.52 3.48 -10.14
CA MET B 1 -23.51 3.84 -8.73
C MET B 1 -22.76 5.16 -8.54
N LEU B 2 -23.50 6.22 -8.22
CA LEU B 2 -22.92 7.54 -7.99
C LEU B 2 -22.17 7.49 -6.65
N LEU B 3 -20.87 7.77 -6.69
CA LEU B 3 -20.01 7.71 -5.51
C LEU B 3 -19.95 8.99 -4.67
N LEU B 4 -20.80 9.09 -3.65
CA LEU B 4 -20.81 10.28 -2.81
C LEU B 4 -20.38 10.01 -1.38
N THR B 5 -19.48 9.04 -1.21
CA THR B 5 -18.94 8.72 0.10
C THR B 5 -17.89 9.79 0.36
N PRO B 6 -17.57 10.04 1.64
CA PRO B 6 -16.56 11.05 1.97
C PRO B 6 -15.19 10.38 1.83
N GLY B 7 -14.95 9.83 0.65
CA GLY B 7 -13.71 9.12 0.38
C GLY B 7 -14.00 7.63 0.39
N PRO B 8 -13.72 6.89 -0.70
CA PRO B 8 -13.14 7.39 -1.95
C PRO B 8 -14.06 8.39 -2.64
N THR B 9 -13.60 8.97 -3.73
CA THR B 9 -14.37 9.96 -4.48
C THR B 9 -14.41 9.63 -5.97
N PRO B 10 -15.30 10.31 -6.73
CA PRO B 10 -15.38 10.05 -8.18
C PRO B 10 -14.05 10.45 -8.79
N ILE B 11 -13.59 9.68 -9.79
CA ILE B 11 -12.31 9.96 -10.43
C ILE B 11 -12.44 10.58 -11.82
N PRO B 12 -11.83 11.75 -12.03
CA PRO B 12 -11.90 12.42 -13.33
C PRO B 12 -11.42 11.45 -14.42
N GLU B 13 -12.07 11.50 -15.58
CA GLU B 13 -11.72 10.63 -16.70
C GLU B 13 -10.24 10.76 -17.04
N ARG B 14 -9.77 12.00 -17.05
CA ARG B 14 -8.38 12.31 -17.36
C ARG B 14 -7.44 11.57 -16.41
N VAL B 15 -7.86 11.44 -15.16
CA VAL B 15 -7.05 10.78 -14.14
C VAL B 15 -7.10 9.26 -14.27
N GLN B 16 -8.30 8.69 -14.35
CA GLN B 16 -8.41 7.25 -14.45
C GLN B 16 -7.74 6.74 -15.74
N LYS B 17 -7.81 7.52 -16.81
CA LYS B 17 -7.21 7.14 -18.09
C LYS B 17 -5.69 7.03 -18.03
N ALA B 18 -5.08 7.79 -17.11
CA ALA B 18 -3.63 7.76 -16.96
C ALA B 18 -3.18 6.37 -16.52
N LEU B 19 -4.13 5.57 -16.04
CA LEU B 19 -3.83 4.23 -15.58
C LEU B 19 -3.55 3.29 -16.75
N LEU B 20 -3.89 3.73 -17.95
CA LEU B 20 -3.69 2.94 -19.17
C LEU B 20 -2.31 3.14 -19.78
N ARG B 21 -1.57 4.13 -19.31
CA ARG B 21 -0.23 4.38 -19.84
C ARG B 21 0.64 3.15 -19.65
N PRO B 22 1.58 2.92 -20.58
CA PRO B 22 2.48 1.76 -20.50
C PRO B 22 3.18 1.57 -19.17
N MET B 23 3.09 0.36 -18.63
CA MET B 23 3.72 -0.01 -17.37
C MET B 23 5.24 0.08 -17.52
N ARG B 24 5.92 0.46 -16.44
CA ARG B 24 7.37 0.59 -16.44
C ARG B 24 7.93 0.13 -15.11
N GLY B 25 9.23 -0.16 -15.07
CA GLY B 25 9.85 -0.57 -13.83
C GLY B 25 9.80 0.62 -12.89
N HIS B 26 9.76 0.38 -11.59
CA HIS B 26 9.67 1.50 -10.65
C HIS B 26 10.93 2.35 -10.56
N LEU B 27 12.00 1.91 -11.21
CA LEU B 27 13.25 2.67 -11.21
C LEU B 27 13.53 3.22 -12.60
N ASP B 28 12.58 3.02 -13.51
CA ASP B 28 12.68 3.52 -14.88
C ASP B 28 12.85 5.03 -14.72
N PRO B 29 13.83 5.64 -15.42
CA PRO B 29 14.06 7.09 -15.33
C PRO B 29 12.80 7.93 -15.54
N GLU B 30 11.87 7.43 -16.33
CA GLU B 30 10.62 8.13 -16.60
C GLU B 30 9.74 8.11 -15.35
N VAL B 31 9.74 6.98 -14.64
CA VAL B 31 8.95 6.85 -13.44
C VAL B 31 9.57 7.75 -12.37
N LEU B 32 10.90 7.81 -12.35
CA LEU B 32 11.60 8.66 -11.40
C LEU B 32 11.27 10.12 -11.68
N ARG B 33 11.17 10.46 -12.96
CA ARG B 33 10.85 11.82 -13.37
C ARG B 33 9.44 12.16 -12.86
N VAL B 34 8.52 11.22 -13.06
CA VAL B 34 7.14 11.36 -12.60
C VAL B 34 7.13 11.57 -11.09
N ASN B 35 7.96 10.81 -10.39
CA ASN B 35 8.05 10.92 -8.94
C ASN B 35 8.51 12.31 -8.48
N ARG B 36 9.50 12.87 -9.16
CA ARG B 36 9.98 14.21 -8.78
C ARG B 36 8.89 15.23 -9.05
N ALA B 37 8.08 14.97 -10.07
CA ALA B 37 6.99 15.89 -10.40
C ALA B 37 5.95 15.81 -9.28
N ILE B 38 5.64 14.60 -8.84
CA ILE B 38 4.68 14.44 -7.76
C ILE B 38 5.16 15.21 -6.54
N GLN B 39 6.46 15.17 -6.26
CA GLN B 39 7.01 15.89 -5.12
C GLN B 39 6.81 17.38 -5.29
N GLU B 40 6.98 17.87 -6.52
CA GLU B 40 6.82 19.29 -6.82
C GLU B 40 5.37 19.71 -6.59
N ARG B 41 4.42 18.94 -7.12
CA ARG B 41 3.01 19.23 -6.95
C ARG B 41 2.63 19.18 -5.47
N LEU B 42 3.06 18.13 -4.80
CA LEU B 42 2.77 17.97 -3.38
C LEU B 42 3.38 19.09 -2.54
N ALA B 43 4.56 19.55 -2.92
CA ALA B 43 5.22 20.62 -2.18
C ALA B 43 4.41 21.90 -2.29
N ALA B 44 3.80 22.10 -3.46
CA ALA B 44 2.99 23.29 -3.70
C ALA B 44 1.73 23.29 -2.83
N LEU B 45 1.20 22.10 -2.57
CA LEU B 45 -0.01 21.98 -1.75
C LEU B 45 0.32 21.97 -0.27
N PHE B 46 1.35 21.22 0.10
CA PHE B 46 1.79 21.13 1.49
C PHE B 46 2.50 22.38 2.03
N ASP B 47 3.38 22.96 1.21
CA ASP B 47 4.19 24.11 1.60
C ASP B 47 4.94 23.69 2.87
N PRO B 48 5.74 22.63 2.78
CA PRO B 48 6.54 22.03 3.86
C PRO B 48 7.79 22.70 4.39
N GLY B 49 8.26 23.74 3.72
CA GLY B 49 9.47 24.39 4.21
C GLY B 49 10.70 23.65 3.70
N GLU B 50 11.85 24.32 3.71
CA GLU B 50 13.09 23.71 3.22
C GLU B 50 13.62 22.49 3.97
N GLY B 51 14.12 21.52 3.20
CA GLY B 51 14.69 20.31 3.78
C GLY B 51 13.68 19.22 4.10
N ALA B 52 12.42 19.50 3.79
CA ALA B 52 11.35 18.56 4.07
C ALA B 52 11.39 17.32 3.17
N LEU B 53 10.79 16.24 3.65
CA LEU B 53 10.69 15.01 2.89
C LEU B 53 9.26 14.97 2.36
N VAL B 54 9.13 14.90 1.05
CA VAL B 54 7.84 14.83 0.39
C VAL B 54 7.82 13.54 -0.40
N ALA B 55 6.75 12.77 -0.23
CA ALA B 55 6.62 11.49 -0.92
C ALA B 55 5.18 11.02 -0.93
N ALA B 56 4.95 9.91 -1.61
CA ALA B 56 3.62 9.32 -1.69
C ALA B 56 3.81 7.85 -1.37
N LEU B 57 3.53 7.50 -0.11
CA LEU B 57 3.69 6.14 0.36
C LEU B 57 2.79 5.17 -0.40
N ALA B 58 3.24 3.93 -0.52
CA ALA B 58 2.50 2.88 -1.21
C ALA B 58 1.49 2.23 -0.26
N GLY B 59 0.39 2.93 -0.02
CA GLY B 59 -0.65 2.43 0.87
C GLY B 59 -1.72 3.49 1.03
N SER B 60 -2.71 3.25 1.87
CA SER B 60 -3.80 4.20 2.06
C SER B 60 -3.41 5.34 3.01
N GLY B 61 -4.35 6.26 3.23
CA GLY B 61 -4.08 7.37 4.12
C GLY B 61 -3.62 6.93 5.50
N SER B 62 -4.15 5.80 5.97
CA SER B 62 -3.80 5.28 7.28
C SER B 62 -2.31 4.96 7.38
N LEU B 63 -1.70 4.56 6.27
CA LEU B 63 -0.28 4.26 6.25
C LEU B 63 0.45 5.58 6.49
N GLY B 64 -0.04 6.63 5.83
CA GLY B 64 0.56 7.94 6.00
C GLY B 64 0.48 8.35 7.46
N MET B 65 -0.68 8.12 8.05
CA MET B 65 -0.91 8.44 9.45
C MET B 65 0.08 7.73 10.36
N GLU B 66 0.15 6.39 10.23
CA GLU B 66 1.04 5.61 11.06
C GLU B 66 2.53 5.94 10.90
N ALA B 67 2.95 6.28 9.69
CA ALA B 67 4.35 6.61 9.43
C ALA B 67 4.84 7.80 10.24
N GLY B 68 3.96 8.76 10.49
CA GLY B 68 4.34 9.95 11.24
C GLY B 68 4.42 9.73 12.74
N LEU B 69 4.07 8.52 13.17
CA LEU B 69 4.10 8.18 14.59
C LEU B 69 5.15 7.11 14.86
N ALA B 70 5.12 6.05 14.06
CA ALA B 70 6.05 4.94 14.22
C ALA B 70 7.53 5.33 14.02
N ASN B 71 7.78 6.42 13.30
CA ASN B 71 9.16 6.86 13.09
C ASN B 71 9.63 7.84 14.15
N LEU B 72 8.73 8.24 15.05
CA LEU B 72 9.07 9.20 16.10
C LEU B 72 9.97 8.55 17.16
N ASP B 73 11.00 9.26 17.61
CA ASP B 73 11.91 8.68 18.59
C ASP B 73 11.28 8.35 19.93
N ARG B 74 10.55 9.29 20.51
CA ARG B 74 9.93 9.05 21.81
C ARG B 74 8.68 9.90 21.99
N GLY B 75 7.96 9.63 23.06
CA GLY B 75 6.77 10.39 23.38
C GLY B 75 7.15 11.34 24.50
N PRO B 76 6.18 11.86 25.27
CA PRO B 76 4.75 11.58 25.10
C PRO B 76 4.16 12.34 23.91
N VAL B 77 2.92 12.04 23.60
CA VAL B 77 2.24 12.68 22.48
C VAL B 77 0.84 13.10 22.94
N LEU B 78 0.52 14.37 22.76
CA LEU B 78 -0.79 14.87 23.13
C LEU B 78 -1.68 14.70 21.90
N VAL B 79 -2.65 13.80 21.99
CA VAL B 79 -3.55 13.57 20.88
C VAL B 79 -4.89 14.24 21.12
N LEU B 80 -5.19 15.26 20.32
CA LEU B 80 -6.43 15.99 20.43
C LEU B 80 -7.49 15.18 19.71
N VAL B 81 -8.47 14.71 20.46
CA VAL B 81 -9.53 13.87 19.92
C VAL B 81 -10.94 14.43 19.95
N ASN B 82 -11.61 14.34 18.80
CA ASN B 82 -13.01 14.75 18.70
C ASN B 82 -13.69 14.03 17.55
N GLY B 83 -13.16 12.84 17.23
CA GLY B 83 -13.73 12.04 16.15
C GLY B 83 -13.11 10.66 16.01
N ALA B 84 -13.67 9.85 15.12
CA ALA B 84 -13.19 8.49 14.91
C ALA B 84 -11.75 8.45 14.38
N PHE B 85 -11.38 9.44 13.57
CA PHE B 85 -10.03 9.42 13.01
C PHE B 85 -8.94 9.90 13.94
N SER B 86 -9.24 10.87 14.80
CA SER B 86 -8.24 11.32 15.76
C SER B 86 -8.11 10.20 16.79
N GLN B 87 -9.17 9.41 16.93
CA GLN B 87 -9.14 8.28 17.86
C GLN B 87 -8.20 7.22 17.29
N ARG B 88 -8.11 7.15 15.97
CA ARG B 88 -7.22 6.19 15.31
C ARG B 88 -5.77 6.63 15.55
N VAL B 89 -5.54 7.94 15.53
CA VAL B 89 -4.20 8.46 15.79
C VAL B 89 -3.76 8.02 17.18
N ALA B 90 -4.68 8.12 18.15
CA ALA B 90 -4.41 7.72 19.52
C ALA B 90 -4.09 6.24 19.62
N GLU B 91 -4.87 5.43 18.91
CA GLU B 91 -4.66 3.98 18.92
C GLU B 91 -3.28 3.62 18.39
N MET B 92 -2.86 4.28 17.32
CA MET B 92 -1.55 4.01 16.74
C MET B 92 -0.45 4.44 17.68
N ALA B 93 -0.60 5.65 18.23
CA ALA B 93 0.39 6.20 19.16
C ALA B 93 0.61 5.26 20.34
N ALA B 94 -0.48 4.69 20.85
CA ALA B 94 -0.43 3.78 21.98
C ALA B 94 0.31 2.49 21.59
N LEU B 95 -0.02 1.99 20.41
CA LEU B 95 0.58 0.77 19.88
C LEU B 95 2.09 0.86 19.76
N HIS B 96 2.58 2.01 19.31
CA HIS B 96 4.02 2.21 19.13
C HIS B 96 4.74 2.68 20.39
N GLY B 97 4.05 2.61 21.52
CA GLY B 97 4.62 3.02 22.80
C GLY B 97 5.04 4.47 22.90
N LEU B 98 4.28 5.35 22.26
CA LEU B 98 4.59 6.78 22.28
C LEU B 98 3.94 7.50 23.46
N ASP B 99 3.39 6.73 24.39
CA ASP B 99 2.77 7.29 25.58
C ASP B 99 1.80 8.43 25.28
N PRO B 100 0.74 8.15 24.54
CA PRO B 100 -0.22 9.22 24.23
C PRO B 100 -1.06 9.66 25.43
N GLU B 101 -1.41 10.93 25.44
CA GLU B 101 -2.26 11.50 26.47
C GLU B 101 -3.40 12.06 25.62
N VAL B 102 -4.59 11.50 25.78
CA VAL B 102 -5.74 11.94 25.02
C VAL B 102 -6.49 13.09 25.67
N LEU B 103 -6.80 14.11 24.87
CA LEU B 103 -7.56 15.26 25.34
C LEU B 103 -8.83 15.22 24.50
N ASP B 104 -9.93 14.81 25.13
CA ASP B 104 -11.21 14.69 24.42
C ASP B 104 -12.05 15.95 24.30
N PHE B 105 -12.76 16.02 23.19
CA PHE B 105 -13.67 17.12 22.92
C PHE B 105 -14.93 16.45 22.40
N PRO B 106 -16.11 17.03 22.66
CA PRO B 106 -17.37 16.45 22.20
C PRO B 106 -17.46 16.25 20.70
N PRO B 107 -17.84 15.04 20.26
CA PRO B 107 -17.95 14.81 18.83
C PRO B 107 -18.98 15.82 18.35
N GLY B 108 -18.73 16.45 17.21
CA GLY B 108 -19.67 17.45 16.71
C GLY B 108 -19.21 18.84 17.09
N GLU B 109 -18.16 18.92 17.90
CA GLU B 109 -17.58 20.18 18.33
C GLU B 109 -16.13 20.23 17.91
N PRO B 110 -15.60 21.43 17.64
CA PRO B 110 -14.20 21.55 17.24
C PRO B 110 -13.30 21.57 18.48
N VAL B 111 -12.04 21.21 18.30
CA VAL B 111 -11.09 21.23 19.41
C VAL B 111 -10.93 22.69 19.83
N ASP B 112 -10.97 22.96 21.13
CA ASP B 112 -10.82 24.33 21.62
C ASP B 112 -9.36 24.63 21.96
N PRO B 113 -8.73 25.58 21.23
CA PRO B 113 -7.34 25.97 21.44
C PRO B 113 -6.98 26.34 22.88
N GLU B 114 -7.90 27.00 23.59
CA GLU B 114 -7.64 27.41 24.96
C GLU B 114 -7.43 26.17 25.84
N ALA B 115 -8.23 25.12 25.61
CA ALA B 115 -8.11 23.88 26.36
C ALA B 115 -6.77 23.21 26.08
N VAL B 116 -6.32 23.31 24.83
CA VAL B 116 -5.06 22.75 24.42
C VAL B 116 -3.91 23.48 25.10
N ALA B 117 -4.03 24.80 25.18
CA ALA B 117 -2.99 25.62 25.81
C ALA B 117 -2.81 25.24 27.27
N ARG B 118 -3.92 24.96 27.95
CA ARG B 118 -3.86 24.58 29.35
C ARG B 118 -3.19 23.23 29.49
N ALA B 119 -3.50 22.31 28.57
CA ALA B 119 -2.92 20.98 28.59
C ALA B 119 -1.41 21.04 28.33
N LEU B 120 -1.00 21.94 27.44
CA LEU B 120 0.41 22.08 27.12
C LEU B 120 1.23 22.66 28.27
N LYS B 121 0.55 23.17 29.29
CA LYS B 121 1.25 23.73 30.44
C LYS B 121 1.35 22.66 31.52
N ARG B 122 0.51 21.64 31.42
CA ARG B 122 0.50 20.55 32.39
C ARG B 122 1.69 19.60 32.24
N ARG B 123 2.08 19.30 31.00
CA ARG B 123 3.21 18.41 30.75
C ARG B 123 3.90 18.72 29.42
N ARG B 124 5.19 18.34 29.34
CA ARG B 124 5.96 18.56 28.11
C ARG B 124 5.71 17.40 27.16
N TYR B 125 5.41 17.73 25.91
CA TYR B 125 5.15 16.71 24.90
C TYR B 125 6.13 16.78 23.73
N ARG B 126 6.48 15.62 23.20
CA ARG B 126 7.39 15.55 22.07
C ARG B 126 6.59 15.96 20.83
N MET B 127 5.29 15.65 20.84
CA MET B 127 4.44 15.96 19.70
C MET B 127 2.97 16.17 20.08
N VAL B 128 2.28 16.99 19.29
CA VAL B 128 0.85 17.26 19.48
C VAL B 128 0.19 16.79 18.18
N ALA B 129 -0.82 15.94 18.29
CA ALA B 129 -1.50 15.41 17.11
C ALA B 129 -2.94 15.89 16.97
N LEU B 130 -3.28 16.33 15.76
CA LEU B 130 -4.61 16.84 15.45
C LEU B 130 -5.07 16.41 14.06
N VAL B 131 -6.39 16.31 13.88
CA VAL B 131 -6.97 15.98 12.59
C VAL B 131 -7.58 17.31 12.13
N HIS B 132 -7.11 17.81 10.99
CA HIS B 132 -7.60 19.09 10.46
C HIS B 132 -9.11 19.07 10.26
N GLY B 133 -9.58 18.03 9.56
CA GLY B 133 -11.01 17.88 9.31
C GLY B 133 -11.46 16.50 9.72
N GLU B 134 -12.24 16.44 10.81
CA GLU B 134 -12.72 15.15 11.31
C GLU B 134 -13.90 14.68 10.46
N THR B 135 -13.60 13.76 9.55
CA THR B 135 -14.58 13.20 8.63
C THR B 135 -15.75 12.49 9.30
N SER B 136 -15.52 11.93 10.48
CA SER B 136 -16.58 11.20 11.18
C SER B 136 -17.66 12.12 11.76
N THR B 137 -17.32 13.38 11.96
CA THR B 137 -18.27 14.33 12.54
C THR B 137 -18.59 15.53 11.65
N GLY B 138 -17.77 15.76 10.63
CA GLY B 138 -17.99 16.88 9.75
C GLY B 138 -17.57 18.19 10.40
N VAL B 139 -16.58 18.11 11.28
CA VAL B 139 -16.08 19.27 12.01
C VAL B 139 -14.67 19.68 11.57
N LEU B 140 -14.48 20.99 11.36
CA LEU B 140 -13.19 21.54 10.96
C LEU B 140 -12.49 22.11 12.20
N ASN B 141 -11.34 21.53 12.57
CA ASN B 141 -10.61 22.01 13.74
C ASN B 141 -9.69 23.19 13.40
N PRO B 142 -9.39 24.04 14.39
CA PRO B 142 -8.53 25.21 14.22
C PRO B 142 -7.06 24.86 14.21
N ALA B 143 -6.62 24.22 13.12
CA ALA B 143 -5.24 23.79 12.98
C ALA B 143 -4.18 24.88 13.15
N GLU B 144 -4.41 26.05 12.56
CA GLU B 144 -3.42 27.11 12.66
C GLU B 144 -3.16 27.52 14.10
N ALA B 145 -4.24 27.75 14.84
CA ALA B 145 -4.14 28.16 16.23
C ALA B 145 -3.43 27.10 17.08
N ILE B 146 -3.74 25.83 16.84
CA ILE B 146 -3.11 24.77 17.59
C ILE B 146 -1.63 24.66 17.24
N GLY B 147 -1.32 24.86 15.96
CA GLY B 147 0.08 24.79 15.53
C GLY B 147 0.92 25.81 16.28
N ALA B 148 0.39 27.01 16.44
CA ALA B 148 1.09 28.08 17.16
C ALA B 148 1.33 27.66 18.59
N LEU B 149 0.34 27.03 19.21
CA LEU B 149 0.48 26.58 20.58
C LEU B 149 1.53 25.49 20.67
N ALA B 150 1.54 24.60 19.68
CA ALA B 150 2.51 23.51 19.67
C ALA B 150 3.94 24.05 19.54
N LYS B 151 4.13 25.02 18.66
CA LYS B 151 5.45 25.60 18.47
C LYS B 151 5.94 26.26 19.77
N GLU B 152 5.05 26.99 20.45
CA GLU B 152 5.42 27.65 21.69
C GLU B 152 5.89 26.61 22.70
N ALA B 153 5.19 25.49 22.75
CA ALA B 153 5.49 24.42 23.70
C ALA B 153 6.71 23.58 23.32
N GLY B 154 7.27 23.85 22.15
CA GLY B 154 8.43 23.09 21.68
C GLY B 154 8.07 21.69 21.23
N ALA B 155 6.81 21.48 20.86
CA ALA B 155 6.36 20.17 20.41
C ALA B 155 6.16 20.11 18.89
N LEU B 156 6.51 18.97 18.30
CA LEU B 156 6.32 18.77 16.87
C LEU B 156 4.80 18.80 16.66
N PHE B 157 4.35 19.23 15.49
CA PHE B 157 2.92 19.29 15.22
C PHE B 157 2.53 18.32 14.09
N PHE B 158 1.81 17.27 14.48
CA PHE B 158 1.34 16.21 13.58
C PHE B 158 -0.08 16.58 13.13
N LEU B 159 -0.31 16.67 11.82
CA LEU B 159 -1.64 17.02 11.32
C LEU B 159 -2.21 16.17 10.18
N ASP B 160 -3.35 15.54 10.44
CA ASP B 160 -4.06 14.73 9.45
C ASP B 160 -4.77 15.72 8.54
N ALA B 161 -4.34 15.79 7.27
CA ALA B 161 -4.93 16.74 6.32
C ALA B 161 -5.82 16.10 5.24
N VAL B 162 -6.30 14.90 5.51
CA VAL B 162 -7.12 14.18 4.54
C VAL B 162 -8.32 14.92 3.95
N THR B 163 -9.11 15.59 4.79
CA THR B 163 -10.29 16.29 4.30
C THR B 163 -10.05 17.76 3.97
N THR B 164 -8.79 18.18 3.98
CA THR B 164 -8.49 19.57 3.69
C THR B 164 -7.45 19.80 2.59
N LEU B 165 -6.37 19.03 2.61
CA LEU B 165 -5.33 19.20 1.60
C LEU B 165 -5.93 18.97 0.22
N GLY B 166 -5.79 19.96 -0.65
CA GLY B 166 -6.32 19.83 -1.99
C GLY B 166 -7.71 20.43 -2.18
N MET B 167 -8.28 21.00 -1.12
CA MET B 167 -9.61 21.60 -1.21
C MET B 167 -9.74 22.90 -0.41
N LEU B 168 -9.03 22.99 0.71
CA LEU B 168 -9.08 24.20 1.55
C LEU B 168 -7.67 24.77 1.71
N PRO B 169 -7.55 26.04 2.11
CA PRO B 169 -6.23 26.63 2.28
C PRO B 169 -5.40 25.74 3.19
N PHE B 170 -4.13 25.56 2.87
CA PHE B 170 -3.26 24.71 3.68
C PHE B 170 -1.80 25.09 3.50
N SER B 171 -1.08 25.19 4.61
CA SER B 171 0.33 25.51 4.58
C SER B 171 1.01 25.05 5.85
N MET B 172 1.93 24.10 5.72
CA MET B 172 2.66 23.59 6.86
C MET B 172 3.45 24.71 7.51
N ARG B 173 4.11 25.52 6.69
CA ARG B 173 4.90 26.64 7.20
C ARG B 173 4.03 27.57 8.06
N ALA B 174 2.90 28.02 7.51
CA ALA B 174 2.01 28.93 8.23
C ALA B 174 1.45 28.33 9.51
N MET B 175 0.99 27.08 9.43
CA MET B 175 0.42 26.42 10.59
C MET B 175 1.44 25.72 11.49
N GLY B 176 2.72 25.90 11.20
CA GLY B 176 3.77 25.28 12.00
C GLY B 176 3.65 23.77 12.09
N VAL B 177 3.26 23.15 10.99
CA VAL B 177 3.09 21.70 10.92
C VAL B 177 4.43 21.01 10.63
N ASP B 178 4.69 19.92 11.34
CA ASP B 178 5.92 19.17 11.14
C ASP B 178 5.67 17.87 10.35
N TYR B 179 4.46 17.35 10.45
CA TYR B 179 4.09 16.16 9.71
C TYR B 179 2.66 16.29 9.23
N ALA B 180 2.47 16.19 7.91
CA ALA B 180 1.15 16.28 7.31
C ALA B 180 0.98 15.11 6.34
N PHE B 181 -0.26 14.68 6.15
CA PHE B 181 -0.52 13.58 5.24
C PHE B 181 -1.95 13.54 4.76
N THR B 182 -2.20 12.69 3.76
CA THR B 182 -3.52 12.51 3.21
C THR B 182 -3.51 11.23 2.39
N GLY B 183 -4.64 10.91 1.78
CA GLY B 183 -4.77 9.73 0.96
C GLY B 183 -5.05 10.22 -0.45
N SER B 184 -4.72 9.41 -1.44
CA SER B 184 -4.95 9.83 -2.83
C SER B 184 -6.42 9.93 -3.25
N GLN B 185 -7.28 9.15 -2.60
CA GLN B 185 -8.71 9.10 -2.93
C GLN B 185 -9.63 10.10 -2.24
N LYS B 186 -9.07 11.07 -1.53
CA LYS B 186 -9.89 12.05 -0.84
C LYS B 186 -10.07 13.29 -1.71
N CYS B 187 -9.72 14.47 -1.19
CA CYS B 187 -9.86 15.71 -1.95
C CYS B 187 -9.14 15.70 -3.29
N LEU B 188 -8.10 14.88 -3.41
CA LEU B 188 -7.35 14.82 -4.66
C LEU B 188 -8.10 14.07 -5.76
N SER B 189 -9.16 13.37 -5.37
CA SER B 189 -9.98 12.63 -6.33
C SER B 189 -9.20 11.67 -7.23
N ALA B 190 -8.17 11.04 -6.68
CA ALA B 190 -7.39 10.09 -7.45
C ALA B 190 -7.72 8.69 -6.96
N PRO B 191 -7.26 7.65 -7.68
CA PRO B 191 -7.55 6.28 -7.26
C PRO B 191 -6.85 6.01 -5.93
N PRO B 192 -7.52 5.30 -5.02
CA PRO B 192 -6.91 4.99 -3.72
C PRO B 192 -5.71 4.07 -3.87
N GLY B 193 -4.79 4.12 -2.91
CA GLY B 193 -3.61 3.25 -2.97
C GLY B 193 -2.31 3.96 -2.64
N LEU B 194 -2.36 5.29 -2.56
CA LEU B 194 -1.17 6.08 -2.25
C LEU B 194 -1.48 7.03 -1.11
N ALA B 195 -0.44 7.40 -0.36
CA ALA B 195 -0.60 8.32 0.76
C ALA B 195 0.46 9.41 0.74
N PRO B 196 0.12 10.58 0.17
CA PRO B 196 1.06 11.71 0.10
C PRO B 196 1.41 12.13 1.53
N ILE B 197 2.70 12.35 1.79
CA ILE B 197 3.15 12.77 3.11
C ILE B 197 4.22 13.84 3.02
N ALA B 198 4.38 14.59 4.10
CA ALA B 198 5.38 15.64 4.17
C ALA B 198 5.89 15.78 5.59
N ALA B 199 7.21 15.68 5.75
CA ALA B 199 7.84 15.78 7.06
C ALA B 199 8.87 16.91 7.04
N SER B 200 8.68 17.89 7.92
CA SER B 200 9.57 19.03 8.03
C SER B 200 10.96 18.58 8.48
N LEU B 201 11.95 19.45 8.30
CA LEU B 201 13.31 19.11 8.69
C LEU B 201 13.33 18.71 10.17
N GLU B 202 12.57 19.42 11.00
CA GLU B 202 12.52 19.11 12.44
C GLU B 202 11.91 17.75 12.72
N ALA B 203 10.92 17.35 11.93
CA ALA B 203 10.31 16.05 12.12
C ALA B 203 11.34 14.98 11.77
N ARG B 204 12.07 15.20 10.68
CA ARG B 204 13.10 14.25 10.23
C ARG B 204 14.18 14.07 11.30
N LYS B 205 14.58 15.17 11.92
CA LYS B 205 15.59 15.10 12.96
C LYS B 205 15.11 14.22 14.10
N ALA B 206 13.81 14.28 14.39
CA ALA B 206 13.21 13.50 15.45
C ALA B 206 12.76 12.12 15.01
N PHE B 207 12.64 11.91 13.70
CA PHE B 207 12.19 10.61 13.19
C PHE B 207 13.33 9.59 13.14
N THR B 208 13.75 9.12 14.31
CA THR B 208 14.82 8.14 14.38
C THR B 208 14.34 6.82 14.98
N GLY B 209 13.04 6.74 15.22
CA GLY B 209 12.47 5.53 15.76
C GLY B 209 12.44 4.44 14.70
N LYS B 210 12.75 3.21 15.09
CA LYS B 210 12.75 2.07 14.18
C LYS B 210 11.79 1.01 14.69
N ARG B 211 10.57 1.00 14.15
CA ARG B 211 9.55 0.05 14.58
C ARG B 211 8.89 -0.70 13.43
N GLY B 212 9.08 -0.20 12.21
CA GLY B 212 8.50 -0.83 11.05
C GLY B 212 9.42 -0.68 9.86
N TRP B 213 9.40 -1.65 8.95
CA TRP B 213 10.25 -1.63 7.76
C TRP B 213 9.57 -0.89 6.61
N TYR B 214 8.37 -1.32 6.27
CA TYR B 214 7.59 -0.74 5.18
C TYR B 214 7.34 0.75 5.36
N LEU B 215 7.07 1.16 6.59
CA LEU B 215 6.80 2.58 6.86
C LEU B 215 8.02 3.38 7.35
N ASP B 216 9.21 2.80 7.20
CA ASP B 216 10.42 3.50 7.61
C ASP B 216 10.64 4.68 6.65
N LEU B 217 10.47 5.90 7.14
CA LEU B 217 10.62 7.07 6.28
C LEU B 217 12.04 7.31 5.78
N ALA B 218 13.03 6.71 6.45
CA ALA B 218 14.41 6.85 6.02
C ALA B 218 14.56 6.02 4.74
N ARG B 219 13.93 4.85 4.72
CA ARG B 219 13.99 3.97 3.56
C ARG B 219 13.21 4.60 2.41
N VAL B 220 12.10 5.26 2.76
CA VAL B 220 11.27 5.93 1.76
C VAL B 220 12.04 7.08 1.12
N ALA B 221 12.82 7.78 1.93
CA ALA B 221 13.62 8.91 1.46
C ALA B 221 14.65 8.40 0.45
N GLU B 222 15.29 7.28 0.77
CA GLU B 222 16.29 6.71 -0.11
C GLU B 222 15.73 6.59 -1.53
N HIS B 223 14.47 6.19 -1.64
CA HIS B 223 13.86 6.03 -2.97
C HIS B 223 13.37 7.33 -3.59
N TRP B 224 12.65 8.14 -2.81
CA TRP B 224 12.12 9.39 -3.31
C TRP B 224 13.10 10.53 -3.48
N GLU B 225 14.19 10.53 -2.70
CA GLU B 225 15.17 11.60 -2.80
C GLU B 225 16.43 11.18 -3.53
N ARG B 226 16.76 9.89 -3.50
CA ARG B 226 17.98 9.41 -4.13
C ARG B 226 17.78 8.35 -5.21
N GLY B 227 16.53 8.06 -5.54
CA GLY B 227 16.27 7.06 -6.57
C GLY B 227 16.74 5.66 -6.25
N GLY B 228 16.94 5.37 -4.96
CA GLY B 228 17.37 4.05 -4.57
C GLY B 228 16.19 3.09 -4.49
N TYR B 229 16.48 1.80 -4.30
CA TYR B 229 15.41 0.82 -4.21
C TYR B 229 14.99 0.58 -2.77
N HIS B 230 13.71 0.82 -2.49
CA HIS B 230 13.15 0.56 -1.19
C HIS B 230 12.34 -0.69 -1.51
N HIS B 231 11.26 -0.50 -2.25
CA HIS B 231 10.42 -1.60 -2.68
C HIS B 231 9.67 -1.12 -3.91
N THR B 232 9.07 -2.05 -4.65
CA THR B 232 8.35 -1.70 -5.86
C THR B 232 7.14 -0.81 -5.55
N THR B 233 7.02 0.28 -6.30
CA THR B 233 5.93 1.22 -6.11
C THR B 233 4.80 0.92 -7.07
N PRO B 234 3.58 1.39 -6.74
CA PRO B 234 2.40 1.17 -7.59
C PRO B 234 2.45 2.17 -8.75
N VAL B 235 3.38 1.92 -9.66
CA VAL B 235 3.62 2.77 -10.83
C VAL B 235 2.38 3.38 -11.50
N LEU B 236 1.40 2.56 -11.87
CA LEU B 236 0.22 3.12 -12.53
C LEU B 236 -0.50 4.15 -11.63
N LEU B 237 -0.55 3.91 -10.33
CA LEU B 237 -1.19 4.85 -9.42
C LEU B 237 -0.38 6.14 -9.38
N HIS B 238 0.93 6.03 -9.57
CA HIS B 238 1.78 7.21 -9.60
C HIS B 238 1.39 8.08 -10.78
N TYR B 239 1.19 7.46 -11.94
CA TYR B 239 0.78 8.20 -13.14
C TYR B 239 -0.51 8.96 -12.85
N ALA B 240 -1.47 8.25 -12.27
CA ALA B 240 -2.77 8.82 -11.95
C ALA B 240 -2.72 9.96 -10.94
N LEU B 241 -1.96 9.77 -9.87
CA LEU B 241 -1.85 10.79 -8.84
C LEU B 241 -1.28 12.09 -9.39
N LEU B 242 -0.24 12.00 -10.23
CA LEU B 242 0.36 13.20 -10.81
C LEU B 242 -0.69 13.92 -11.66
N GLU B 243 -1.47 13.16 -12.41
CA GLU B 243 -2.51 13.73 -13.24
C GLU B 243 -3.55 14.45 -12.38
N ALA B 244 -3.92 13.81 -11.27
CA ALA B 244 -4.90 14.39 -10.35
C ALA B 244 -4.36 15.65 -9.69
N LEU B 245 -3.09 15.62 -9.29
CA LEU B 245 -2.46 16.79 -8.65
C LEU B 245 -2.42 17.99 -9.59
N ASP B 246 -2.22 17.74 -10.88
CA ASP B 246 -2.20 18.83 -11.86
C ASP B 246 -3.59 19.44 -11.97
N LEU B 247 -4.62 18.59 -11.98
CA LEU B 247 -5.99 19.07 -12.06
C LEU B 247 -6.27 20.00 -10.88
N VAL B 248 -5.73 19.64 -9.73
CA VAL B 248 -5.92 20.43 -8.52
C VAL B 248 -5.29 21.82 -8.63
N LEU B 249 -4.01 21.86 -9.03
CA LEU B 249 -3.32 23.14 -9.16
C LEU B 249 -3.90 23.98 -10.29
N GLU B 250 -4.40 23.32 -11.33
CA GLU B 250 -4.98 24.03 -12.46
C GLU B 250 -6.21 24.83 -12.04
N GLU B 251 -7.04 24.21 -11.19
CA GLU B 251 -8.25 24.86 -10.70
C GLU B 251 -7.91 25.83 -9.57
N GLY B 252 -6.97 25.46 -8.73
CA GLY B 252 -6.58 26.29 -7.61
C GLY B 252 -7.37 25.95 -6.36
N VAL B 253 -6.67 25.83 -5.24
CA VAL B 253 -7.31 25.49 -3.97
C VAL B 253 -8.35 26.53 -3.57
N ALA B 254 -8.06 27.80 -3.86
CA ALA B 254 -8.99 28.86 -3.52
C ALA B 254 -10.34 28.58 -4.18
N ALA B 255 -10.33 28.30 -5.47
CA ALA B 255 -11.55 28.01 -6.22
C ALA B 255 -12.19 26.71 -5.74
N ARG B 256 -11.37 25.72 -5.42
CA ARG B 256 -11.91 24.43 -4.97
C ARG B 256 -12.64 24.58 -3.64
N GLU B 257 -12.11 25.42 -2.74
CA GLU B 257 -12.78 25.65 -1.47
C GLU B 257 -14.14 26.28 -1.74
N ARG B 258 -14.18 27.25 -2.64
CA ARG B 258 -15.43 27.92 -2.96
C ARG B 258 -16.46 26.95 -3.54
N ARG B 259 -15.98 26.03 -4.38
CA ARG B 259 -16.87 25.04 -4.99
C ARG B 259 -17.46 24.12 -3.90
N ALA B 260 -16.65 23.75 -2.92
CA ALA B 260 -17.11 22.90 -1.83
C ALA B 260 -18.10 23.66 -0.93
N ARG B 261 -17.70 24.86 -0.50
CA ARG B 261 -18.58 25.65 0.37
C ARG B 261 -19.90 25.99 -0.31
N GLU B 262 -19.84 26.29 -1.60
CA GLU B 262 -21.04 26.60 -2.35
C GLU B 262 -22.00 25.40 -2.38
N VAL B 263 -21.49 24.22 -2.68
CA VAL B 263 -22.36 23.03 -2.71
C VAL B 263 -22.85 22.68 -1.32
N TYR B 264 -21.98 22.81 -0.33
CA TYR B 264 -22.32 22.51 1.06
C TYR B 264 -23.57 23.28 1.49
N ALA B 265 -23.58 24.58 1.21
CA ALA B 265 -24.69 25.44 1.59
C ALA B 265 -25.99 25.04 0.90
N TRP B 266 -25.95 24.87 -0.42
CA TRP B 266 -27.12 24.49 -1.19
C TRP B 266 -27.71 23.17 -0.72
N VAL B 267 -26.88 22.13 -0.69
CA VAL B 267 -27.36 20.81 -0.26
C VAL B 267 -27.92 20.84 1.17
N LEU B 268 -27.24 21.53 2.09
CA LEU B 268 -27.73 21.59 3.45
C LEU B 268 -29.15 22.18 3.51
N GLU B 269 -29.40 23.24 2.75
CA GLU B 269 -30.73 23.84 2.75
C GLU B 269 -31.74 22.86 2.16
N GLU B 270 -31.37 22.17 1.09
CA GLU B 270 -32.28 21.19 0.47
C GLU B 270 -32.62 20.09 1.47
N LEU B 271 -31.61 19.68 2.25
CA LEU B 271 -31.79 18.63 3.24
C LEU B 271 -32.60 19.10 4.45
N LYS B 272 -32.32 20.31 4.92
CA LYS B 272 -33.07 20.86 6.04
C LYS B 272 -34.53 21.02 5.64
N ALA B 273 -34.75 21.32 4.37
CA ALA B 273 -36.10 21.49 3.85
C ALA B 273 -36.84 20.14 3.86
N ARG B 274 -36.08 19.05 3.94
CA ARG B 274 -36.65 17.71 3.95
C ARG B 274 -36.63 17.10 5.35
N GLY B 275 -36.35 17.92 6.35
CA GLY B 275 -36.32 17.43 7.72
C GLY B 275 -34.98 17.01 8.29
N PHE B 276 -33.93 17.12 7.48
CA PHE B 276 -32.60 16.76 7.94
C PHE B 276 -32.07 17.87 8.84
N ARG B 277 -31.19 17.50 9.76
CA ARG B 277 -30.57 18.44 10.68
C ARG B 277 -29.06 18.23 10.65
N PRO B 278 -28.28 19.31 10.56
CA PRO B 278 -26.83 19.16 10.52
C PRO B 278 -26.32 18.56 11.84
N TYR B 279 -25.21 17.83 11.76
CA TYR B 279 -24.64 17.22 12.95
C TYR B 279 -23.65 18.15 13.67
N PRO B 280 -22.68 18.73 12.94
CA PRO B 280 -21.75 19.62 13.64
C PRO B 280 -22.46 20.75 14.36
N LYS B 281 -22.05 20.99 15.60
CA LYS B 281 -22.63 22.03 16.43
C LYS B 281 -22.00 23.38 16.11
N ALA B 282 -20.78 23.33 15.58
CA ALA B 282 -20.02 24.52 15.23
C ALA B 282 -18.85 24.11 14.32
N SER B 283 -18.31 25.07 13.59
CA SER B 283 -17.17 24.84 12.70
C SER B 283 -17.36 23.66 11.74
N PRO B 284 -18.41 23.71 10.91
CA PRO B 284 -18.68 22.64 9.96
C PRO B 284 -17.60 22.51 8.88
N LEU B 285 -17.21 21.27 8.59
CA LEU B 285 -16.20 20.96 7.58
C LEU B 285 -16.88 21.00 6.22
N PRO B 286 -16.49 21.95 5.35
CA PRO B 286 -17.10 22.07 4.02
C PRO B 286 -16.93 20.89 3.06
N THR B 287 -15.95 20.03 3.32
CA THR B 287 -15.69 18.89 2.45
C THR B 287 -16.47 17.62 2.81
N VAL B 288 -17.20 17.67 3.92
CA VAL B 288 -17.99 16.53 4.38
C VAL B 288 -19.27 17.03 5.07
N LEU B 289 -20.41 16.78 4.45
CA LEU B 289 -21.69 17.20 5.02
C LEU B 289 -22.24 16.05 5.85
N VAL B 290 -22.35 16.25 7.15
CA VAL B 290 -22.86 15.24 8.07
C VAL B 290 -24.20 15.70 8.61
N VAL B 291 -25.24 14.91 8.35
CA VAL B 291 -26.59 15.26 8.78
C VAL B 291 -27.34 14.12 9.46
N ARG B 292 -28.24 14.48 10.39
CA ARG B 292 -29.05 13.47 11.05
C ARG B 292 -30.30 13.38 10.17
N PRO B 293 -30.87 12.17 10.00
CA PRO B 293 -32.06 11.98 9.18
C PRO B 293 -33.35 12.55 9.76
N PRO B 294 -34.38 12.73 8.91
CA PRO B 294 -35.66 13.28 9.37
C PRO B 294 -36.20 12.40 10.50
N GLU B 295 -37.10 12.95 11.31
CA GLU B 295 -37.68 12.19 12.41
C GLU B 295 -38.30 10.88 11.94
N GLY B 296 -38.02 9.80 12.66
CA GLY B 296 -38.59 8.51 12.28
C GLY B 296 -37.81 7.76 11.21
N VAL B 297 -36.86 8.43 10.57
CA VAL B 297 -36.05 7.80 9.53
C VAL B 297 -34.74 7.29 10.10
N ASP B 298 -34.48 5.99 9.91
CA ASP B 298 -33.26 5.37 10.40
C ASP B 298 -32.10 5.68 9.43
N ALA B 299 -31.00 6.20 9.97
CA ALA B 299 -29.85 6.58 9.14
C ALA B 299 -29.29 5.47 8.28
N ASP B 300 -28.97 4.33 8.89
CA ASP B 300 -28.41 3.21 8.15
C ASP B 300 -29.39 2.64 7.14
N ARG B 301 -30.67 2.58 7.50
CA ARG B 301 -31.66 2.06 6.56
C ARG B 301 -31.73 2.99 5.36
N LEU B 302 -31.60 4.30 5.60
CA LEU B 302 -31.66 5.29 4.54
C LEU B 302 -30.44 5.14 3.62
N VAL B 303 -29.30 4.82 4.21
CA VAL B 303 -28.08 4.62 3.44
C VAL B 303 -28.29 3.47 2.46
N ARG B 304 -28.95 2.41 2.94
CA ARG B 304 -29.22 1.24 2.12
C ARG B 304 -30.21 1.55 1.01
N ALA B 305 -31.23 2.33 1.35
CA ALA B 305 -32.26 2.70 0.38
C ALA B 305 -31.62 3.55 -0.72
N LEU B 306 -30.71 4.44 -0.35
CA LEU B 306 -30.03 5.28 -1.32
C LEU B 306 -29.24 4.41 -2.29
N TYR B 307 -28.54 3.42 -1.75
CA TYR B 307 -27.77 2.51 -2.58
C TYR B 307 -28.68 1.83 -3.60
N ALA B 308 -29.87 1.42 -3.16
CA ALA B 308 -30.83 0.77 -4.03
C ALA B 308 -31.28 1.75 -5.13
N GLU B 309 -31.23 3.04 -4.82
CA GLU B 309 -31.62 4.07 -5.78
C GLU B 309 -30.44 4.50 -6.65
N GLY B 310 -29.31 3.83 -6.49
CA GLY B 310 -28.15 4.15 -7.31
C GLY B 310 -27.15 5.17 -6.76
N VAL B 311 -27.19 5.43 -5.46
CA VAL B 311 -26.26 6.40 -4.89
C VAL B 311 -25.57 5.84 -3.64
N ALA B 312 -24.25 5.99 -3.60
CA ALA B 312 -23.47 5.52 -2.47
C ALA B 312 -23.04 6.67 -1.56
N VAL B 313 -23.44 6.60 -0.29
CA VAL B 313 -23.05 7.60 0.69
C VAL B 313 -22.61 6.81 1.91
N ALA B 314 -22.03 7.46 2.91
CA ALA B 314 -21.59 6.76 4.09
C ALA B 314 -22.54 6.97 5.26
N GLY B 315 -22.54 6.01 6.18
CA GLY B 315 -23.37 6.12 7.36
C GLY B 315 -22.40 6.68 8.40
N GLY B 316 -22.81 6.73 9.66
CA GLY B 316 -21.92 7.25 10.68
C GLY B 316 -20.72 6.33 10.92
N ILE B 317 -19.78 6.77 11.73
CA ILE B 317 -18.61 5.98 12.06
C ILE B 317 -18.04 6.47 13.38
N GLY B 318 -17.57 5.53 14.20
CA GLY B 318 -17.04 5.90 15.49
C GLY B 318 -18.14 6.53 16.33
N PRO B 319 -17.95 7.77 16.81
CA PRO B 319 -18.98 8.44 17.62
C PRO B 319 -20.31 8.69 16.91
N THR B 320 -20.31 8.70 15.58
CA THR B 320 -21.56 8.94 14.85
C THR B 320 -22.21 7.70 14.26
N ARG B 321 -21.74 6.53 14.66
CA ARG B 321 -22.28 5.27 14.14
C ARG B 321 -23.80 5.22 14.23
N GLY B 322 -24.42 4.86 13.10
CA GLY B 322 -25.86 4.72 13.03
C GLY B 322 -26.73 5.95 13.30
N GLN B 323 -26.10 7.11 13.44
CA GLN B 323 -26.83 8.33 13.74
C GLN B 323 -26.90 9.32 12.58
N VAL B 324 -26.09 9.12 11.55
CA VAL B 324 -26.07 10.08 10.47
C VAL B 324 -25.76 9.51 9.08
N LEU B 325 -25.74 10.44 8.13
CA LEU B 325 -25.37 10.18 6.75
C LEU B 325 -24.18 11.11 6.59
N ARG B 326 -23.14 10.64 5.90
CA ARG B 326 -21.96 11.47 5.68
C ARG B 326 -21.82 11.57 4.16
N LEU B 327 -21.97 12.79 3.66
CA LEU B 327 -21.92 13.04 2.22
C LEU B 327 -20.60 13.69 1.78
N GLY B 328 -19.99 13.10 0.77
CA GLY B 328 -18.72 13.63 0.28
C GLY B 328 -18.80 14.90 -0.54
N LEU B 329 -18.01 15.90 -0.16
CA LEU B 329 -17.92 17.18 -0.85
C LEU B 329 -16.46 17.50 -1.11
N MET B 330 -15.68 16.45 -1.35
CA MET B 330 -14.27 16.65 -1.63
C MET B 330 -13.97 16.12 -3.01
N GLY B 331 -13.11 16.84 -3.72
CA GLY B 331 -12.77 16.45 -5.07
C GLY B 331 -14.00 16.53 -5.95
N GLU B 332 -14.17 15.54 -6.82
CA GLU B 332 -15.30 15.52 -7.74
C GLU B 332 -16.64 15.33 -7.06
N GLY B 333 -16.62 15.12 -5.74
CA GLY B 333 -17.87 14.97 -5.02
C GLY B 333 -18.60 16.30 -4.94
N ALA B 334 -17.82 17.38 -4.91
CA ALA B 334 -18.39 18.72 -4.81
C ALA B 334 -18.86 19.28 -6.16
N ARG B 335 -19.95 18.72 -6.67
CA ARG B 335 -20.50 19.15 -7.95
C ARG B 335 -22.02 19.25 -7.92
N ARG B 336 -22.55 20.26 -8.59
CA ARG B 336 -23.99 20.48 -8.66
C ARG B 336 -24.74 19.32 -9.29
N GLU B 337 -24.30 18.88 -10.47
CA GLU B 337 -24.94 17.77 -11.16
C GLU B 337 -25.02 16.55 -10.26
N ALA B 338 -23.91 16.25 -9.57
CA ALA B 338 -23.85 15.10 -8.69
C ALA B 338 -24.89 15.16 -7.58
N TYR B 339 -24.99 16.29 -6.89
CA TYR B 339 -25.97 16.34 -5.82
C TYR B 339 -27.42 16.52 -6.29
N GLN B 340 -27.62 16.94 -7.53
CA GLN B 340 -28.99 17.06 -8.02
C GLN B 340 -29.51 15.64 -8.20
N ALA B 341 -28.61 14.74 -8.61
CA ALA B 341 -28.96 13.33 -8.78
C ALA B 341 -29.22 12.74 -7.40
N PHE B 342 -28.35 13.09 -6.44
CA PHE B 342 -28.50 12.62 -5.07
C PHE B 342 -29.89 12.95 -4.56
N LEU B 343 -30.26 14.22 -4.64
CA LEU B 343 -31.56 14.67 -4.18
C LEU B 343 -32.72 13.91 -4.83
N LYS B 344 -32.60 13.62 -6.12
CA LYS B 344 -33.66 12.89 -6.82
C LYS B 344 -33.75 11.48 -6.25
N ALA B 345 -32.60 10.86 -6.07
CA ALA B 345 -32.53 9.52 -5.50
C ALA B 345 -33.01 9.54 -4.06
N LEU B 346 -32.62 10.58 -3.32
CA LEU B 346 -33.02 10.70 -1.93
C LEU B 346 -34.53 10.75 -1.78
N ASP B 347 -35.17 11.56 -2.62
CA ASP B 347 -36.63 11.68 -2.57
C ASP B 347 -37.32 10.36 -2.89
N ARG B 348 -36.73 9.57 -3.79
CA ARG B 348 -37.31 8.28 -4.13
C ARG B 348 -37.23 7.37 -2.90
N ALA B 349 -36.09 7.43 -2.21
CA ALA B 349 -35.90 6.62 -1.02
C ALA B 349 -36.86 7.06 0.08
N LEU B 350 -36.95 8.37 0.32
CA LEU B 350 -37.84 8.90 1.35
C LEU B 350 -39.30 8.61 1.05
N ALA B 351 -39.63 8.48 -0.24
CA ALA B 351 -41.00 8.20 -0.65
C ALA B 351 -41.45 6.83 -0.18
N LEU B 352 -40.51 5.90 -0.07
CA LEU B 352 -40.80 4.54 0.39
C LEU B 352 -40.87 4.47 1.92
N1 PLP C . 10.58 -11.23 -2.32
C2 PLP C . 10.97 -11.64 -3.57
C2A PLP C . 11.61 -13.03 -3.73
C3 PLP C . 10.79 -10.79 -4.66
O3 PLP C . 11.20 -11.16 -5.94
C4 PLP C . 10.23 -9.54 -4.47
C4A PLP C . 10.00 -8.68 -5.74
C5 PLP C . 9.83 -9.16 -3.17
C6 PLP C . 10.02 -10.00 -2.13
C5A PLP C . 9.22 -7.79 -2.79
O4P PLP C . 8.22 -7.20 -3.54
P PLP C . 8.11 -5.61 -3.59
O1P PLP C . 6.76 -5.80 -4.38
O2P PLP C . 9.12 -4.93 -4.43
O3P PLP C . 7.87 -5.16 -2.22
N1 PLP D . -8.01 10.47 8.32
C2 PLP D . -9.19 10.99 7.91
C2A PLP D . -9.76 12.21 8.69
C3 PLP D . -9.84 10.43 6.80
O3 PLP D . -11.05 10.92 6.37
C4 PLP D . -9.27 9.34 6.13
C4A PLP D . -9.99 8.80 4.89
C5 PLP D . -8.03 8.85 6.59
C6 PLP D . -7.44 9.40 7.66
C5A PLP D . -7.24 7.67 5.93
O4P PLP D . -7.95 6.54 5.72
P PLP D . -7.69 5.45 4.57
O1P PLP D . -7.23 6.04 3.18
O2P PLP D . -9.03 4.88 4.43
O3P PLP D . -6.60 4.62 5.14
#